data_3UJT
#
_entry.id   3UJT
#
_cell.length_a   35.953
_cell.length_b   131.491
_cell.length_c   86.805
_cell.angle_alpha   90.00
_cell.angle_beta   96.87
_cell.angle_gamma   90.00
#
_symmetry.space_group_name_H-M   'P 1 21 1'
#
loop_
_entity.id
_entity.type
_entity.pdbx_description
1 polymer 'Ab-52 heavy chain'
2 polymer 'Ab-52 light chain'
3 non-polymer 2-AMINO-2-HYDROXYMETHYL-PROPANE-1,3-DIOL
4 non-polymer GLYCEROL
5 water water
#
loop_
_entity_poly.entity_id
_entity_poly.type
_entity_poly.pdbx_seq_one_letter_code
_entity_poly.pdbx_strand_id
1 'polypeptide(L)'
;QVQLQQPGSVLVRPGASVKLSCKASGYTFTSSWMHWAKQRPGQGLEWIGEIHPNSGNTNYNEKFKGKATLTVDTSSSTAY
VDLSSLTSEDSAVYYCVRGFAYWGQGTLVTVSAAKTTAPSVYPLAPVCGDTTGSSVTLGCLVKGYFPEPVTLTWNSGSLS
SGVHTFPAVLQSDLYTLSSSVTVTSSTWPSQSITCNVAHPASSTKVDKKIEPR
;
H,I
2 'polypeptide(L)'
;DIVMTQSPSSLAMSVGQKVTMSCKSSQSLLNSSNQKNYLAWYQQKPGQSPKLLVYFASTRESGVPDRFIGSGSGTDFTLT
ISSVQAEDLADYFCQQHYSTPFTFGSGTKLEIKRADAAPTVSIFPPSSEQLTSGGASVVCFLNNFYPKDINVKWKIDGSE
RQNGVLNSWTDQDSKDSTYSMSSTLTLTKDEYERHNSYTCEATHKTSTSPIVKSFNR
;
L,M
#
# COMPACT_ATOMS: atom_id res chain seq x y z
N GLN A 1 38.74 -16.92 20.77
CA GLN A 1 38.90 -15.54 20.34
C GLN A 1 37.60 -14.76 20.50
N VAL A 2 37.69 -13.44 20.59
CA VAL A 2 36.55 -12.60 20.95
C VAL A 2 35.43 -12.58 19.92
N GLN A 3 34.20 -12.76 20.40
CA GLN A 3 32.99 -12.59 19.60
C GLN A 3 31.85 -12.06 20.45
N LEU A 4 31.09 -11.12 19.92
CA LEU A 4 29.95 -10.55 20.63
C LEU A 4 28.66 -10.78 19.83
N GLN A 5 27.90 -11.79 20.25
CA GLN A 5 26.69 -12.17 19.53
C GLN A 5 25.51 -11.24 19.84
N GLN A 6 25.02 -10.57 18.80
CA GLN A 6 23.86 -9.70 18.93
C GLN A 6 22.79 -10.12 17.92
N PRO A 7 21.53 -10.19 18.36
CA PRO A 7 20.41 -10.52 17.46
C PRO A 7 20.41 -9.60 16.25
N GLY A 8 20.08 -10.16 15.08
CA GLY A 8 20.10 -9.40 13.84
C GLY A 8 19.29 -8.12 13.90
N SER A 9 18.02 -8.25 14.28
CA SER A 9 17.12 -7.10 14.33
C SER A 9 15.97 -7.32 15.29
N VAL A 10 15.35 -6.21 15.72
CA VAL A 10 14.20 -6.26 16.61
C VAL A 10 13.13 -5.27 16.17
N LEU A 11 11.88 -5.73 16.15
CA LEU A 11 10.76 -4.85 15.83
C LEU A 11 10.06 -4.40 17.11
N VAL A 12 10.04 -3.10 17.34
CA VAL A 12 9.43 -2.55 18.55
C VAL A 12 8.35 -1.53 18.21
N ARG A 13 7.18 -1.70 18.80
CA ARG A 13 6.09 -0.76 18.60
C ARG A 13 6.38 0.54 19.34
N PRO A 14 6.00 1.68 18.75
CA PRO A 14 6.20 2.98 19.38
C PRO A 14 5.64 3.01 20.81
N GLY A 15 6.42 3.56 21.74
CA GLY A 15 6.00 3.66 23.12
C GLY A 15 6.38 2.44 23.94
N ALA A 16 6.68 1.34 23.26
CA ALA A 16 7.09 0.11 23.93
C ALA A 16 8.57 0.14 24.29
N SER A 17 9.00 -0.82 25.10
CA SER A 17 10.39 -0.93 25.47
C SER A 17 10.99 -2.23 24.92
N VAL A 18 12.31 -2.34 24.95
CA VAL A 18 12.98 -3.53 24.43
C VAL A 18 14.31 -3.81 25.14
N LYS A 19 14.61 -5.09 25.32
CA LYS A 19 15.84 -5.50 25.97
C LYS A 19 16.78 -6.14 24.96
N LEU A 20 17.89 -5.47 24.66
CA LEU A 20 18.86 -5.99 23.70
C LEU A 20 19.92 -6.82 24.40
N SER A 21 20.37 -7.90 23.75
CA SER A 21 21.34 -8.81 24.35
C SER A 21 22.69 -8.79 23.64
N CYS A 22 23.73 -9.16 24.39
CA CYS A 22 25.08 -9.23 23.85
C CYS A 22 25.87 -10.35 24.52
N LYS A 23 25.83 -11.54 23.93
CA LYS A 23 26.52 -12.69 24.50
C LYS A 23 27.98 -12.75 24.07
N ALA A 24 28.88 -12.75 25.05
CA ALA A 24 30.31 -12.71 24.77
C ALA A 24 30.96 -14.09 24.86
N SER A 25 31.98 -14.31 24.04
CA SER A 25 32.72 -15.55 24.04
C SER A 25 34.16 -15.31 23.61
N GLY A 26 35.06 -16.24 23.96
CA GLY A 26 36.45 -16.14 23.56
C GLY A 26 37.30 -15.31 24.51
N TYR A 27 36.70 -14.89 25.62
CA TYR A 27 37.42 -14.12 26.63
C TYR A 27 36.65 -14.10 27.95
N THR A 28 37.33 -13.71 29.02
CA THR A 28 36.70 -13.65 30.34
C THR A 28 35.76 -12.46 30.45
N PHE A 29 34.47 -12.74 30.46
CA PHE A 29 33.42 -11.72 30.49
C PHE A 29 33.66 -10.63 31.54
N THR A 30 34.21 -11.03 32.68
CA THR A 30 34.36 -10.11 33.81
C THR A 30 35.69 -9.35 33.82
N SER A 31 36.43 -9.41 32.73
CA SER A 31 37.74 -8.77 32.68
C SER A 31 37.78 -7.57 31.74
N SER A 32 36.61 -7.13 31.29
CA SER A 32 36.54 -5.99 30.37
C SER A 32 35.26 -5.20 30.52
N TRP A 33 35.38 -3.88 30.38
CA TRP A 33 34.20 -3.01 30.31
C TRP A 33 33.44 -3.31 29.02
N MET A 34 32.12 -3.37 29.11
CA MET A 34 31.30 -3.56 27.92
C MET A 34 30.63 -2.24 27.56
N HIS A 35 30.94 -1.74 26.37
CA HIS A 35 30.37 -0.47 25.89
C HIS A 35 29.15 -0.72 25.00
N TRP A 36 28.29 0.29 24.92
CA TRP A 36 27.17 0.26 23.98
C TRP A 36 27.17 1.53 23.15
N ALA A 37 26.96 1.39 21.84
CA ALA A 37 26.96 2.54 20.94
C ALA A 37 25.75 2.53 20.03
N LYS A 38 25.30 3.72 19.65
CA LYS A 38 24.13 3.87 18.78
C LYS A 38 24.53 4.48 17.45
N GLN A 39 24.13 3.84 16.36
CA GLN A 39 24.48 4.34 15.03
C GLN A 39 23.25 4.45 14.13
N ARG A 40 23.00 5.67 13.65
CA ARG A 40 21.93 5.91 12.70
C ARG A 40 22.51 6.32 11.35
N PRO A 41 21.90 5.85 10.26
CA PRO A 41 22.36 6.18 8.90
C PRO A 41 22.59 7.67 8.72
N GLY A 42 21.88 8.47 9.49
CA GLY A 42 21.96 9.92 9.39
C GLY A 42 23.33 10.49 9.73
N GLN A 43 23.73 10.38 11.00
CA GLN A 43 24.94 11.04 11.47
C GLN A 43 25.90 10.15 12.25
N GLY A 44 26.77 10.77 13.04
CA GLY A 44 27.84 10.08 13.72
C GLY A 44 27.44 9.21 14.89
N LEU A 45 28.28 8.22 15.18
CA LEU A 45 28.04 7.30 16.30
C LEU A 45 27.87 8.03 17.62
N GLU A 46 27.15 7.40 18.54
CA GLU A 46 26.95 7.96 19.87
C GLU A 46 27.30 6.94 20.94
N TRP A 47 28.10 7.35 21.93
CA TRP A 47 28.45 6.49 23.05
C TRP A 47 27.32 6.52 24.07
N ILE A 48 26.69 5.37 24.28
CA ILE A 48 25.56 5.28 25.20
C ILE A 48 26.03 5.16 26.64
N GLY A 49 26.94 4.23 26.89
CA GLY A 49 27.45 4.01 28.23
C GLY A 49 28.24 2.72 28.31
N GLU A 50 28.75 2.42 29.50
CA GLU A 50 29.54 1.22 29.70
C GLU A 50 29.21 0.56 31.04
N ILE A 51 29.47 -0.75 31.13
CA ILE A 51 29.26 -1.48 32.36
C ILE A 51 30.36 -2.51 32.55
N HIS A 52 30.82 -2.66 33.79
CA HIS A 52 31.85 -3.65 34.10
C HIS A 52 31.22 -4.86 34.77
N PRO A 53 31.19 -6.00 34.05
CA PRO A 53 30.53 -7.24 34.46
C PRO A 53 31.01 -7.81 35.80
N ASN A 54 32.18 -7.40 36.26
CA ASN A 54 32.73 -7.94 37.50
C ASN A 54 32.21 -7.25 38.75
N SER A 55 31.80 -5.99 38.62
CA SER A 55 31.30 -5.23 39.75
C SER A 55 29.89 -4.73 39.52
N GLY A 56 29.53 -4.54 38.26
CA GLY A 56 28.22 -4.01 37.91
C GLY A 56 28.23 -2.49 37.85
N ASN A 57 29.42 -1.92 38.00
CA ASN A 57 29.57 -0.47 37.92
C ASN A 57 29.25 0.04 36.52
N THR A 58 28.63 1.21 36.44
CA THR A 58 28.20 1.75 35.16
C THR A 58 28.57 3.22 34.98
N ASN A 59 28.85 3.60 33.74
CA ASN A 59 29.02 4.99 33.37
C ASN A 59 28.14 5.31 32.17
N TYR A 60 27.25 6.29 32.32
CA TYR A 60 26.30 6.62 31.27
C TYR A 60 26.62 7.93 30.56
N ASN A 61 26.27 8.00 29.29
CA ASN A 61 26.25 9.27 28.58
C ASN A 61 25.02 10.03 29.03
N GLU A 62 25.21 11.25 29.50
CA GLU A 62 24.12 12.06 30.05
C GLU A 62 22.91 12.06 29.12
N LYS A 63 23.17 11.98 27.82
CA LYS A 63 22.11 12.03 26.82
C LYS A 63 21.22 10.80 26.80
N PHE A 64 21.68 9.72 27.41
CA PHE A 64 20.94 8.47 27.38
C PHE A 64 20.39 8.05 28.75
N LYS A 65 20.67 8.83 29.78
CA LYS A 65 20.07 8.59 31.08
C LYS A 65 18.56 8.74 30.98
N GLY A 66 17.83 7.71 31.37
CA GLY A 66 16.38 7.74 31.29
C GLY A 66 15.87 7.09 30.02
N LYS A 67 16.79 6.63 29.18
CA LYS A 67 16.45 5.95 27.94
C LYS A 67 17.10 4.58 27.89
N ALA A 68 18.31 4.48 28.44
CA ALA A 68 19.05 3.22 28.42
C ALA A 68 19.44 2.77 29.82
N THR A 69 19.30 1.47 30.08
CA THR A 69 19.73 0.88 31.34
C THR A 69 20.57 -0.36 31.08
N LEU A 70 21.84 -0.30 31.48
CA LEU A 70 22.76 -1.41 31.24
C LEU A 70 22.79 -2.40 32.39
N THR A 71 22.69 -3.69 32.07
CA THR A 71 22.81 -4.75 33.05
C THR A 71 23.62 -5.89 32.47
N VAL A 72 24.01 -6.84 33.33
CA VAL A 72 24.78 -7.99 32.88
C VAL A 72 24.31 -9.28 33.56
N ASP A 73 24.59 -10.40 32.92
CA ASP A 73 24.35 -11.70 33.51
C ASP A 73 25.63 -12.52 33.42
N THR A 74 26.42 -12.51 34.49
CA THR A 74 27.71 -13.18 34.50
C THR A 74 27.61 -14.69 34.36
N SER A 75 26.43 -15.23 34.67
CA SER A 75 26.24 -16.68 34.61
C SER A 75 26.15 -17.15 33.16
N SER A 76 25.70 -16.27 32.28
CA SER A 76 25.59 -16.59 30.85
C SER A 76 26.53 -15.74 30.02
N SER A 77 27.35 -14.93 30.69
CA SER A 77 28.27 -14.03 30.02
C SER A 77 27.54 -13.18 28.99
N THR A 78 26.46 -12.54 29.41
CA THR A 78 25.65 -11.72 28.51
C THR A 78 25.45 -10.31 29.04
N ALA A 79 25.60 -9.33 28.17
CA ALA A 79 25.32 -7.94 28.52
C ALA A 79 24.00 -7.49 27.91
N TYR A 80 23.24 -6.70 28.66
CA TYR A 80 21.95 -6.22 28.19
C TYR A 80 21.85 -4.71 28.24
N VAL A 81 21.06 -4.15 27.33
CA VAL A 81 20.66 -2.75 27.43
C VAL A 81 19.14 -2.64 27.29
N ASP A 82 18.50 -2.05 28.29
CA ASP A 82 17.06 -1.83 28.24
C ASP A 82 16.75 -0.45 27.70
N LEU A 83 16.06 -0.40 26.57
CA LEU A 83 15.65 0.87 25.97
C LEU A 83 14.17 1.10 26.23
N SER A 84 13.85 2.24 26.86
CA SER A 84 12.50 2.50 27.32
C SER A 84 11.71 3.46 26.42
N SER A 85 10.42 3.16 26.25
CA SER A 85 9.51 4.04 25.51
C SER A 85 10.11 4.54 24.20
N LEU A 86 10.27 3.64 23.24
CA LEU A 86 10.93 3.97 21.98
C LEU A 86 10.12 4.93 21.12
N THR A 87 10.84 5.85 20.48
CA THR A 87 10.26 6.71 19.46
C THR A 87 10.97 6.41 18.15
N SER A 88 10.60 7.12 17.09
CA SER A 88 11.26 6.95 15.81
C SER A 88 12.74 7.33 15.92
N GLU A 89 13.05 8.22 16.86
CA GLU A 89 14.42 8.67 17.08
C GLU A 89 15.29 7.54 17.62
N ASP A 90 14.66 6.51 18.16
CA ASP A 90 15.37 5.39 18.76
C ASP A 90 15.68 4.31 17.73
N SER A 91 15.15 4.46 16.52
CA SER A 91 15.46 3.53 15.44
C SER A 91 16.93 3.67 15.05
N ALA A 92 17.67 2.58 15.14
CA ALA A 92 19.09 2.60 14.83
C ALA A 92 19.72 1.21 14.99
N VAL A 93 21.01 1.11 14.71
CA VAL A 93 21.77 -0.09 15.01
C VAL A 93 22.49 0.10 16.34
N TYR A 94 22.29 -0.83 17.26
CA TYR A 94 22.92 -0.74 18.57
C TYR A 94 24.05 -1.75 18.72
N TYR A 95 25.26 -1.24 18.94
CA TYR A 95 26.44 -2.09 19.08
C TYR A 95 26.86 -2.25 20.53
N CYS A 96 27.27 -3.47 20.89
CA CYS A 96 27.99 -3.69 22.13
C CYS A 96 29.45 -3.85 21.77
N VAL A 97 30.35 -3.37 22.63
CA VAL A 97 31.77 -3.37 22.33
C VAL A 97 32.59 -3.80 23.53
N ARG A 98 33.48 -4.77 23.33
CA ARG A 98 34.41 -5.16 24.38
C ARG A 98 35.52 -4.12 24.48
N GLY A 99 35.54 -3.39 25.59
CA GLY A 99 36.43 -2.25 25.71
C GLY A 99 36.17 -1.32 24.56
N PHE A 100 37.24 -0.80 23.95
CA PHE A 100 37.11 0.01 22.75
C PHE A 100 37.55 -0.78 21.53
N ALA A 101 37.91 -2.05 21.76
CA ALA A 101 38.61 -2.84 20.74
C ALA A 101 37.72 -3.65 19.80
N TYR A 102 36.77 -4.40 20.33
CA TYR A 102 35.99 -5.32 19.50
C TYR A 102 34.50 -5.02 19.47
N TRP A 103 33.96 -4.85 18.26
CA TRP A 103 32.56 -4.49 18.07
C TRP A 103 31.70 -5.72 17.77
N GLY A 104 30.53 -5.78 18.41
CA GLY A 104 29.59 -6.86 18.18
C GLY A 104 28.96 -6.78 16.81
N GLN A 105 28.02 -7.68 16.54
CA GLN A 105 27.36 -7.73 15.23
C GLN A 105 26.41 -6.56 15.05
N GLY A 106 25.91 -6.02 16.16
CA GLY A 106 24.98 -4.91 16.11
C GLY A 106 23.55 -5.34 15.86
N THR A 107 22.63 -4.83 16.67
CA THR A 107 21.21 -5.16 16.52
C THR A 107 20.46 -4.00 15.87
N LEU A 108 19.75 -4.29 14.78
CA LEU A 108 18.92 -3.29 14.13
C LEU A 108 17.59 -3.15 14.86
N VAL A 109 17.32 -1.95 15.36
CA VAL A 109 16.05 -1.70 16.04
C VAL A 109 15.11 -0.88 15.16
N THR A 110 14.01 -1.52 14.73
CA THR A 110 13.00 -0.83 13.96
C THR A 110 11.81 -0.47 14.83
N VAL A 111 11.58 0.83 14.99
CA VAL A 111 10.42 1.29 15.75
C VAL A 111 9.25 1.54 14.80
N SER A 112 8.23 0.70 14.90
CA SER A 112 7.10 0.77 13.98
C SER A 112 5.89 0.01 14.50
N ALA A 113 4.71 0.40 14.03
CA ALA A 113 3.47 -0.29 14.39
C ALA A 113 3.08 -1.27 13.30
N ALA A 114 3.82 -1.24 12.20
CA ALA A 114 3.54 -2.09 11.04
C ALA A 114 3.56 -3.57 11.40
N LYS A 115 2.81 -4.36 10.65
CA LYS A 115 2.72 -5.79 10.88
C LYS A 115 3.82 -6.56 10.19
N THR A 116 4.36 -7.56 10.90
CA THR A 116 5.35 -8.46 10.31
C THR A 116 4.71 -9.19 9.14
N THR A 117 5.38 -9.19 8.00
CA THR A 117 4.82 -9.80 6.79
C THR A 117 5.86 -10.59 6.02
N ALA A 118 5.51 -11.83 5.66
CA ALA A 118 6.37 -12.68 4.86
C ALA A 118 6.39 -12.18 3.42
N PRO A 119 7.54 -12.32 2.75
CA PRO A 119 7.68 -11.84 1.37
C PRO A 119 7.24 -12.88 0.36
N SER A 120 6.91 -12.44 -0.85
CA SER A 120 6.71 -13.34 -1.97
C SER A 120 8.01 -13.41 -2.75
N VAL A 121 8.40 -14.61 -3.16
CA VAL A 121 9.63 -14.80 -3.91
C VAL A 121 9.33 -15.22 -5.34
N TYR A 122 9.70 -14.37 -6.29
CA TYR A 122 9.45 -14.65 -7.70
C TYR A 122 10.74 -14.82 -8.48
N PRO A 123 10.77 -15.80 -9.40
CA PRO A 123 11.93 -16.04 -10.25
C PRO A 123 11.97 -15.07 -11.42
N LEU A 124 13.16 -14.60 -11.77
CA LEU A 124 13.33 -13.70 -12.91
C LEU A 124 14.15 -14.38 -13.99
N ALA A 125 13.46 -14.97 -14.97
CA ALA A 125 14.13 -15.64 -16.09
C ALA A 125 14.18 -14.72 -17.30
N PRO A 126 15.17 -14.93 -18.18
CA PRO A 126 15.35 -14.10 -19.37
C PRO A 126 14.09 -14.05 -20.23
N VAL A 127 13.98 -13.01 -21.04
CA VAL A 127 12.80 -12.83 -21.90
C VAL A 127 12.53 -14.06 -22.76
N SER A 134 26.97 -14.51 -24.65
CA SER A 134 27.87 -15.49 -24.04
C SER A 134 27.61 -15.61 -22.56
N SER A 135 26.94 -14.62 -21.99
CA SER A 135 26.61 -14.63 -20.57
C SER A 135 25.11 -14.40 -20.38
N VAL A 136 24.55 -15.08 -19.39
CA VAL A 136 23.12 -14.92 -19.08
C VAL A 136 22.94 -14.45 -17.64
N THR A 137 21.99 -13.53 -17.45
CA THR A 137 21.71 -13.01 -16.11
C THR A 137 20.33 -13.44 -15.64
N LEU A 138 20.28 -14.02 -14.43
CA LEU A 138 19.03 -14.46 -13.84
C LEU A 138 18.69 -13.58 -12.63
N GLY A 139 17.47 -13.69 -12.13
CA GLY A 139 17.05 -12.82 -11.05
C GLY A 139 16.16 -13.45 -9.99
N CYS A 140 16.07 -12.79 -8.85
CA CYS A 140 15.22 -13.24 -7.75
C CYS A 140 14.54 -12.03 -7.14
N LEU A 141 13.21 -12.02 -7.19
CA LEU A 141 12.45 -10.89 -6.65
C LEU A 141 11.79 -11.22 -5.32
N VAL A 142 12.23 -10.53 -4.27
CA VAL A 142 11.67 -10.72 -2.94
C VAL A 142 10.83 -9.50 -2.57
N LYS A 143 9.50 -9.64 -2.69
CA LYS A 143 8.60 -8.50 -2.61
C LYS A 143 7.63 -8.53 -1.42
N GLY A 144 7.52 -7.40 -0.73
CA GLY A 144 6.51 -7.21 0.29
C GLY A 144 6.76 -7.91 1.62
N TYR A 145 7.92 -7.68 2.22
CA TYR A 145 8.22 -8.25 3.54
C TYR A 145 8.45 -7.16 4.59
N PHE A 146 8.31 -7.54 5.85
CA PHE A 146 8.54 -6.62 6.96
C PHE A 146 8.65 -7.40 8.27
N PRO A 147 9.63 -7.03 9.11
CA PRO A 147 10.61 -5.98 8.83
C PRO A 147 11.89 -6.58 8.26
N GLU A 148 12.93 -5.75 8.14
CA GLU A 148 14.24 -6.23 7.77
C GLU A 148 14.75 -7.21 8.83
N PRO A 149 15.66 -8.12 8.45
CA PRO A 149 16.18 -8.26 7.10
C PRO A 149 15.74 -9.57 6.47
N VAL A 150 16.28 -9.85 5.28
CA VAL A 150 16.13 -11.16 4.66
C VAL A 150 17.51 -11.61 4.19
N THR A 151 17.71 -12.91 4.08
CA THR A 151 18.96 -13.45 3.54
C THR A 151 18.68 -14.11 2.20
N LEU A 152 19.60 -13.92 1.26
CA LEU A 152 19.45 -14.51 -0.07
C LEU A 152 20.75 -15.08 -0.59
N THR A 153 20.75 -16.36 -0.90
CA THR A 153 21.91 -17.02 -1.48
C THR A 153 21.53 -17.69 -2.79
N TRP A 154 22.52 -18.06 -3.58
CA TRP A 154 22.27 -18.79 -4.82
C TRP A 154 22.90 -20.19 -4.74
N ASN A 155 22.11 -21.20 -5.09
CA ASN A 155 22.54 -22.59 -4.97
C ASN A 155 23.09 -22.89 -3.57
N SER A 156 22.35 -22.48 -2.56
CA SER A 156 22.72 -22.72 -1.16
C SER A 156 24.03 -22.04 -0.77
N GLY A 157 24.50 -21.12 -1.62
CA GLY A 157 25.69 -20.35 -1.31
C GLY A 157 26.90 -20.70 -2.14
N SER A 158 26.82 -21.82 -2.86
CA SER A 158 27.93 -22.28 -3.69
C SER A 158 28.13 -21.43 -4.94
N LEU A 159 27.09 -20.69 -5.32
CA LEU A 159 27.18 -19.77 -6.44
C LEU A 159 27.30 -18.34 -5.93
N SER A 160 28.53 -17.92 -5.65
CA SER A 160 28.78 -16.63 -5.02
C SER A 160 29.27 -15.58 -6.01
N SER A 161 30.04 -16.01 -7.01
CA SER A 161 30.59 -15.08 -7.98
C SER A 161 29.54 -14.58 -8.96
N GLY A 162 29.68 -13.34 -9.39
CA GLY A 162 28.76 -12.73 -10.34
C GLY A 162 27.38 -12.49 -9.74
N VAL A 163 27.33 -12.28 -8.43
CA VAL A 163 26.06 -12.06 -7.75
C VAL A 163 25.93 -10.63 -7.22
N HIS A 164 24.78 -10.02 -7.48
CA HIS A 164 24.48 -8.70 -6.96
C HIS A 164 23.14 -8.70 -6.23
N THR A 165 23.18 -8.55 -4.92
CA THR A 165 21.96 -8.41 -4.13
C THR A 165 21.73 -6.96 -3.77
N PHE A 166 20.64 -6.40 -4.27
CA PHE A 166 20.36 -4.98 -4.08
C PHE A 166 19.61 -4.72 -2.77
N PRO A 167 20.05 -3.69 -2.04
CA PRO A 167 19.35 -3.28 -0.81
C PRO A 167 17.87 -3.05 -1.06
N ALA A 168 17.03 -3.38 -0.09
CA ALA A 168 15.59 -3.29 -0.27
C ALA A 168 15.10 -1.85 -0.36
N VAL A 169 13.90 -1.69 -0.93
CA VAL A 169 13.24 -0.39 -0.95
C VAL A 169 11.99 -0.46 -0.10
N LEU A 170 11.59 0.67 0.48
CA LEU A 170 10.50 0.70 1.44
C LEU A 170 9.31 1.55 0.98
N GLN A 171 8.11 1.00 1.12
CA GLN A 171 6.88 1.74 0.85
C GLN A 171 5.70 1.16 1.61
N SER A 172 4.99 2.04 2.32
CA SER A 172 3.82 1.63 3.10
C SER A 172 4.14 0.45 4.01
N ASP A 173 5.32 0.48 4.63
CA ASP A 173 5.71 -0.51 5.63
C ASP A 173 5.98 -1.89 5.03
N LEU A 174 6.46 -1.92 3.79
CA LEU A 174 6.84 -3.17 3.14
C LEU A 174 8.12 -3.00 2.34
N TYR A 175 9.06 -3.93 2.55
CA TYR A 175 10.32 -3.90 1.82
C TYR A 175 10.27 -4.78 0.57
N THR A 176 10.99 -4.36 -0.47
CA THR A 176 11.16 -5.17 -1.67
C THR A 176 12.62 -5.22 -2.07
N LEU A 177 13.12 -6.43 -2.28
CA LEU A 177 14.52 -6.65 -2.59
C LEU A 177 14.67 -7.54 -3.81
N SER A 178 15.78 -7.41 -4.52
CA SER A 178 16.06 -8.26 -5.67
C SER A 178 17.52 -8.65 -5.71
N SER A 179 17.83 -9.75 -6.38
CA SER A 179 19.19 -10.20 -6.54
C SER A 179 19.39 -10.79 -7.93
N SER A 180 20.50 -10.43 -8.56
CA SER A 180 20.83 -10.93 -9.88
C SER A 180 22.04 -11.85 -9.82
N VAL A 181 22.05 -12.86 -10.68
CA VAL A 181 23.21 -13.75 -10.81
C VAL A 181 23.55 -13.94 -12.28
N THR A 182 24.81 -13.66 -12.63
CA THR A 182 25.25 -13.78 -14.01
C THR A 182 26.20 -14.96 -14.16
N VAL A 183 25.86 -15.86 -15.08
CA VAL A 183 26.69 -17.04 -15.33
C VAL A 183 26.95 -17.21 -16.83
N THR A 184 27.95 -18.02 -17.17
CA THR A 184 28.22 -18.36 -18.55
C THR A 184 26.96 -18.95 -19.18
N SER A 185 26.57 -18.41 -20.34
CA SER A 185 25.31 -18.79 -20.97
C SER A 185 25.25 -20.28 -21.32
N SER A 186 26.40 -20.89 -21.54
CA SER A 186 26.45 -22.31 -21.92
C SER A 186 26.36 -23.22 -20.71
N THR A 187 26.09 -22.65 -19.53
CA THR A 187 25.99 -23.43 -18.31
C THR A 187 24.55 -23.49 -17.80
N TRP A 188 23.71 -22.59 -18.30
CA TRP A 188 22.30 -22.55 -17.92
C TRP A 188 21.46 -22.73 -19.18
N PRO A 189 20.33 -23.45 -19.07
CA PRO A 189 19.78 -24.01 -17.83
C PRO A 189 20.25 -25.43 -17.52
N SER A 190 21.25 -25.95 -18.23
CA SER A 190 21.73 -27.30 -17.98
C SER A 190 22.07 -27.49 -16.51
N GLN A 191 22.81 -26.53 -15.96
CA GLN A 191 23.08 -26.50 -14.52
C GLN A 191 22.05 -25.60 -13.84
N SER A 192 21.23 -26.20 -12.99
CA SER A 192 20.12 -25.48 -12.37
C SER A 192 20.58 -24.38 -11.43
N ILE A 193 19.86 -23.27 -11.43
CA ILE A 193 20.15 -22.14 -10.54
C ILE A 193 18.95 -21.81 -9.67
N THR A 194 19.17 -21.74 -8.37
CA THR A 194 18.08 -21.54 -7.41
C THR A 194 18.46 -20.50 -6.35
N CYS A 195 17.56 -19.58 -6.08
CA CYS A 195 17.79 -18.58 -5.03
C CYS A 195 17.13 -19.02 -3.73
N ASN A 196 17.90 -18.94 -2.65
CA ASN A 196 17.40 -19.36 -1.33
C ASN A 196 17.10 -18.15 -0.46
N VAL A 197 15.83 -17.94 -0.16
CA VAL A 197 15.40 -16.76 0.58
C VAL A 197 14.89 -17.11 1.96
N ALA A 198 15.27 -16.31 2.96
CA ALA A 198 14.83 -16.53 4.33
C ALA A 198 14.46 -15.22 5.01
N HIS A 199 13.22 -15.14 5.50
CA HIS A 199 12.77 -14.00 6.28
C HIS A 199 12.41 -14.46 7.69
N PRO A 200 13.39 -14.42 8.60
CA PRO A 200 13.28 -14.92 9.97
C PRO A 200 12.04 -14.40 10.70
N ALA A 201 11.77 -13.10 10.59
CA ALA A 201 10.65 -12.47 11.28
C ALA A 201 9.35 -13.24 11.10
N SER A 202 9.06 -13.63 9.86
CA SER A 202 7.84 -14.35 9.54
C SER A 202 8.09 -15.85 9.42
N SER A 203 9.26 -16.28 9.88
CA SER A 203 9.67 -17.67 9.74
C SER A 203 9.41 -18.19 8.33
N THR A 204 9.97 -17.51 7.34
CA THR A 204 9.77 -17.88 5.94
C THR A 204 11.05 -18.40 5.30
N LYS A 205 10.96 -19.59 4.71
CA LYS A 205 12.09 -20.20 4.01
C LYS A 205 11.63 -20.65 2.63
N VAL A 206 12.16 -20.02 1.59
CA VAL A 206 11.76 -20.33 0.22
C VAL A 206 12.95 -20.62 -0.70
N ASP A 207 12.85 -21.70 -1.47
CA ASP A 207 13.81 -21.99 -2.52
C ASP A 207 13.13 -21.84 -3.87
N LYS A 208 13.57 -20.87 -4.65
CA LYS A 208 12.98 -20.64 -5.96
C LYS A 208 13.94 -20.96 -7.09
N LYS A 209 13.63 -22.03 -7.81
CA LYS A 209 14.42 -22.45 -8.97
C LYS A 209 14.03 -21.61 -10.17
N ILE A 210 15.02 -21.01 -10.82
CA ILE A 210 14.78 -20.20 -12.01
C ILE A 210 14.62 -21.09 -13.23
N GLU A 211 13.44 -21.06 -13.82
CA GLU A 211 13.16 -21.91 -14.97
C GLU A 211 12.93 -21.09 -16.23
N PRO A 212 13.47 -21.56 -17.38
CA PRO A 212 13.36 -20.86 -18.66
C PRO A 212 11.91 -20.65 -19.07
N ARG A 213 11.61 -19.48 -19.61
CA ARG A 213 10.25 -19.16 -20.04
C ARG A 213 9.89 -19.90 -21.31
N ASP B 1 31.17 18.09 27.00
CA ASP B 1 31.81 16.87 26.51
C ASP B 1 32.85 17.21 25.45
N ILE B 2 33.77 16.28 25.23
CA ILE B 2 34.79 16.44 24.19
C ILE B 2 34.16 16.29 22.81
N VAL B 3 34.46 17.23 21.93
CA VAL B 3 33.91 17.20 20.57
C VAL B 3 34.97 16.77 19.55
N MET B 4 34.67 15.72 18.81
CA MET B 4 35.58 15.22 17.78
C MET B 4 35.14 15.70 16.41
N THR B 5 35.97 16.57 15.80
CA THR B 5 35.67 17.11 14.49
C THR B 5 36.51 16.40 13.42
N GLN B 6 35.82 15.72 12.50
CA GLN B 6 36.47 14.94 11.46
C GLN B 6 36.29 15.59 10.09
N SER B 7 37.29 15.44 9.24
CA SER B 7 37.25 16.03 7.91
C SER B 7 38.25 15.36 6.96
N PRO B 8 37.90 15.28 5.67
CA PRO B 8 36.61 15.76 5.15
C PRO B 8 35.51 14.72 5.32
N SER B 9 34.29 15.06 4.91
CA SER B 9 33.17 14.14 5.03
C SER B 9 33.34 12.93 4.12
N SER B 10 33.95 13.13 2.95
CA SER B 10 34.16 12.05 2.01
C SER B 10 35.39 12.26 1.12
N LEU B 11 35.87 11.17 0.53
CA LEU B 11 37.01 11.24 -0.37
C LEU B 11 36.85 10.24 -1.51
N ALA B 12 37.20 10.66 -2.72
CA ALA B 12 37.23 9.77 -3.88
C ALA B 12 38.67 9.65 -4.38
N MET B 13 39.24 8.47 -4.27
CA MET B 13 40.66 8.27 -4.58
C MET B 13 40.87 7.18 -5.62
N SER B 14 41.86 7.40 -6.49
CA SER B 14 42.30 6.37 -7.42
C SER B 14 43.15 5.37 -6.65
N VAL B 15 43.14 4.11 -7.10
CA VAL B 15 43.96 3.09 -6.48
C VAL B 15 45.42 3.49 -6.51
N GLY B 16 46.06 3.46 -5.34
CA GLY B 16 47.47 3.78 -5.25
C GLY B 16 47.73 5.18 -4.72
N GLN B 17 46.67 5.99 -4.64
CA GLN B 17 46.81 7.36 -4.13
C GLN B 17 46.91 7.39 -2.61
N LYS B 18 47.59 8.42 -2.09
CA LYS B 18 47.70 8.59 -0.65
C LYS B 18 46.53 9.41 -0.13
N VAL B 19 45.81 8.87 0.86
CA VAL B 19 44.67 9.58 1.44
C VAL B 19 44.96 10.04 2.85
N THR B 20 44.58 11.27 3.15
CA THR B 20 44.74 11.82 4.49
C THR B 20 43.40 12.25 5.09
N MET B 21 43.18 11.85 6.34
CA MET B 21 41.95 12.18 7.05
C MET B 21 42.26 12.82 8.40
N SER B 22 41.50 13.85 8.75
CA SER B 22 41.77 14.64 9.95
C SER B 22 40.80 14.35 11.09
N CYS B 23 41.32 14.39 12.32
CA CYS B 23 40.51 14.22 13.51
C CYS B 23 40.98 15.21 14.57
N LYS B 24 40.15 16.21 14.85
CA LYS B 24 40.51 17.24 15.80
C LYS B 24 39.63 17.26 17.04
N SER B 25 40.27 17.21 18.21
CA SER B 25 39.55 17.16 19.47
C SER B 25 39.47 18.54 20.11
N SER B 26 38.35 18.81 20.79
CA SER B 26 38.15 20.09 21.46
C SER B 26 38.98 20.15 22.73
N GLN B 27 39.59 19.03 23.08
CA GLN B 27 40.49 18.95 24.23
C GLN B 27 41.65 18.00 23.95
N SER B 28 42.82 18.34 24.46
CA SER B 28 43.99 17.48 24.35
C SER B 28 43.69 16.09 24.88
N LEU B 29 44.02 15.06 24.11
CA LEU B 29 43.76 13.68 24.50
C LEU B 29 45.01 13.03 25.08
N LEU B 30 46.02 13.84 25.34
CA LEU B 30 47.27 13.35 25.90
C LEU B 30 47.18 13.15 27.41
N ASN B 31 47.29 11.90 27.84
CA ASN B 31 47.26 11.58 29.26
C ASN B 31 48.62 11.80 29.92
N SER B 32 48.65 12.64 30.94
CA SER B 32 49.90 13.01 31.60
C SER B 32 50.52 11.86 32.39
N SER B 33 49.72 10.82 32.64
CA SER B 33 50.19 9.68 33.43
C SER B 33 51.13 8.77 32.65
N ASN B 34 50.82 8.55 31.37
CA ASN B 34 51.64 7.67 30.54
C ASN B 34 52.06 8.31 29.22
N GLN B 35 51.79 9.61 29.09
CA GLN B 35 52.17 10.35 27.88
C GLN B 35 51.65 9.68 26.61
N LYS B 36 50.46 9.10 26.69
CA LYS B 36 49.83 8.47 25.53
C LYS B 36 48.57 9.22 25.11
N ASN B 37 48.37 9.36 23.81
CA ASN B 37 47.17 10.00 23.30
C ASN B 37 46.02 9.00 23.17
N TYR B 38 44.94 9.25 23.90
CA TYR B 38 43.81 8.33 23.91
C TYR B 38 42.85 8.58 22.75
N LEU B 39 43.29 8.21 21.54
CA LEU B 39 42.44 8.28 20.36
C LEU B 39 42.66 7.04 19.49
N ALA B 40 41.58 6.54 18.91
CA ALA B 40 41.66 5.36 18.04
C ALA B 40 40.97 5.62 16.70
N TRP B 41 41.41 4.88 15.69
CA TRP B 41 40.77 4.93 14.38
C TRP B 41 40.11 3.61 14.06
N TYR B 42 38.93 3.66 13.47
CA TYR B 42 38.19 2.45 13.11
C TYR B 42 37.82 2.46 11.64
N GLN B 43 37.67 1.27 11.08
CA GLN B 43 37.20 1.11 9.70
C GLN B 43 35.89 0.34 9.67
N GLN B 44 34.90 0.89 8.98
CA GLN B 44 33.62 0.21 8.84
C GLN B 44 33.22 0.08 7.37
N LYS B 45 33.43 -1.11 6.82
CA LYS B 45 33.05 -1.39 5.44
C LYS B 45 31.53 -1.58 5.37
N PRO B 46 30.95 -1.31 4.18
CA PRO B 46 29.49 -1.38 3.99
C PRO B 46 28.88 -2.66 4.54
N GLY B 47 27.92 -2.51 5.45
CA GLY B 47 27.20 -3.64 5.99
C GLY B 47 27.95 -4.44 7.03
N GLN B 48 29.08 -3.90 7.48
CA GLN B 48 29.89 -4.59 8.49
C GLN B 48 30.00 -3.79 9.79
N SER B 49 30.51 -4.43 10.84
CA SER B 49 30.77 -3.74 12.09
C SER B 49 32.10 -3.02 12.01
N PRO B 50 32.26 -1.93 12.78
CA PRO B 50 33.52 -1.19 12.82
C PRO B 50 34.66 -2.07 13.31
N LYS B 51 35.84 -1.89 12.73
CA LYS B 51 37.03 -2.62 13.18
C LYS B 51 38.15 -1.67 13.57
N LEU B 52 38.87 -2.02 14.63
CA LEU B 52 39.96 -1.19 15.13
C LEU B 52 41.16 -1.21 14.18
N LEU B 53 41.60 -0.02 13.79
CA LEU B 53 42.77 0.14 12.95
C LEU B 53 43.96 0.56 13.78
N VAL B 54 43.80 1.67 14.49
CA VAL B 54 44.89 2.26 15.27
C VAL B 54 44.38 2.73 16.62
N TYR B 55 45.15 2.47 17.68
CA TYR B 55 44.84 3.00 19.00
C TYR B 55 46.05 3.71 19.58
N PHE B 56 45.83 4.52 20.61
CA PHE B 56 46.89 5.36 21.16
C PHE B 56 47.49 6.21 20.04
N ALA B 57 46.63 6.57 19.08
CA ALA B 57 46.97 7.49 17.99
C ALA B 57 47.81 6.88 16.86
N SER B 58 48.81 6.07 17.19
CA SER B 58 49.75 5.60 16.18
C SER B 58 50.07 4.11 16.23
N THR B 59 49.48 3.39 17.18
CA THR B 59 49.73 1.95 17.27
C THR B 59 48.71 1.15 16.45
N ARG B 60 49.20 0.48 15.42
CA ARG B 60 48.34 -0.37 14.59
C ARG B 60 47.87 -1.60 15.36
N GLU B 61 46.60 -1.95 15.17
CA GLU B 61 46.07 -3.17 15.75
C GLU B 61 46.66 -4.38 15.04
N SER B 62 46.83 -5.47 15.78
CA SER B 62 47.39 -6.69 15.22
C SER B 62 46.63 -7.12 13.96
N GLY B 63 47.37 -7.32 12.86
CA GLY B 63 46.79 -7.79 11.63
C GLY B 63 46.46 -6.69 10.63
N VAL B 64 46.57 -5.44 11.06
CA VAL B 64 46.28 -4.31 10.20
C VAL B 64 47.45 -4.00 9.27
N PRO B 65 47.19 -3.94 7.96
CA PRO B 65 48.22 -3.61 6.97
C PRO B 65 48.95 -2.33 7.33
N ASP B 66 50.24 -2.25 7.02
CA ASP B 66 51.06 -1.12 7.42
C ASP B 66 50.85 0.12 6.56
N ARG B 67 49.97 0.03 5.58
CA ARG B 67 49.64 1.20 4.76
C ARG B 67 48.71 2.13 5.54
N PHE B 68 48.15 1.62 6.63
CA PHE B 68 47.36 2.43 7.54
C PHE B 68 48.25 3.01 8.61
N ILE B 69 48.30 4.34 8.67
CA ILE B 69 49.23 5.03 9.56
C ILE B 69 48.54 6.11 10.38
N GLY B 70 48.75 6.08 11.69
CA GLY B 70 48.21 7.08 12.58
C GLY B 70 49.29 7.99 13.14
N SER B 71 48.96 9.26 13.32
CA SER B 71 49.90 10.22 13.87
C SER B 71 49.18 11.43 14.45
N GLY B 72 49.93 12.30 15.12
CA GLY B 72 49.36 13.47 15.75
C GLY B 72 49.34 13.32 17.26
N SER B 73 49.36 14.45 17.97
CA SER B 73 49.35 14.45 19.42
C SER B 73 48.63 15.67 19.97
N GLY B 74 47.97 15.50 21.10
CA GLY B 74 47.23 16.59 21.71
C GLY B 74 45.80 16.65 21.22
N THR B 75 45.55 17.50 20.24
CA THR B 75 44.20 17.69 19.73
C THR B 75 44.07 17.29 18.26
N ASP B 76 45.14 17.48 17.50
CA ASP B 76 45.09 17.23 16.06
C ASP B 76 45.68 15.87 15.70
N PHE B 77 44.85 15.02 15.11
CA PHE B 77 45.26 13.67 14.74
C PHE B 77 44.95 13.38 13.28
N THR B 78 45.68 12.43 12.69
CA THR B 78 45.53 12.11 11.28
C THR B 78 45.64 10.62 10.99
N LEU B 79 44.74 10.12 10.16
CA LEU B 79 44.84 8.76 9.65
C LEU B 79 45.22 8.80 8.18
N THR B 80 46.31 8.11 7.83
CA THR B 80 46.77 8.08 6.45
C THR B 80 46.76 6.67 5.88
N ILE B 81 46.32 6.56 4.62
CA ILE B 81 46.50 5.33 3.86
C ILE B 81 47.52 5.61 2.77
N SER B 82 48.75 5.15 2.96
CA SER B 82 49.85 5.46 2.07
C SER B 82 49.53 5.15 0.61
N SER B 83 48.84 4.04 0.37
CA SER B 83 48.47 3.67 -0.99
C SER B 83 47.12 2.96 -1.01
N VAL B 84 46.07 3.71 -1.30
CA VAL B 84 44.71 3.18 -1.30
C VAL B 84 44.57 1.93 -2.17
N GLN B 85 43.95 0.91 -1.61
CA GLN B 85 43.61 -0.29 -2.38
C GLN B 85 42.09 -0.36 -2.55
N ALA B 86 41.66 -0.99 -3.63
CA ALA B 86 40.23 -1.06 -3.96
C ALA B 86 39.38 -1.58 -2.81
N GLU B 87 39.97 -2.41 -1.97
CA GLU B 87 39.24 -3.04 -0.87
C GLU B 87 39.06 -2.10 0.31
N ASP B 88 39.75 -0.96 0.25
CA ASP B 88 39.78 -0.03 1.38
C ASP B 88 38.56 0.88 1.46
N LEU B 89 37.67 0.81 0.48
CA LEU B 89 36.47 1.62 0.49
C LEU B 89 35.64 1.30 1.75
N ALA B 90 35.32 2.33 2.51
CA ALA B 90 34.58 2.16 3.75
C ALA B 90 34.41 3.49 4.46
N ASP B 91 33.74 3.46 5.61
CA ASP B 91 33.67 4.63 6.48
C ASP B 91 34.79 4.55 7.51
N TYR B 92 35.53 5.64 7.67
CA TYR B 92 36.58 5.70 8.66
C TYR B 92 36.23 6.76 9.69
N PHE B 93 36.34 6.41 10.97
CA PHE B 93 36.00 7.35 12.03
C PHE B 93 36.91 7.21 13.24
N CYS B 94 37.03 8.28 14.00
CA CYS B 94 37.85 8.28 15.20
C CYS B 94 36.97 8.27 16.45
N GLN B 95 37.58 7.91 17.58
CA GLN B 95 36.89 7.99 18.87
C GLN B 95 37.91 8.32 19.95
N GLN B 96 37.52 9.21 20.86
CA GLN B 96 38.39 9.56 21.97
C GLN B 96 38.09 8.67 23.17
N HIS B 97 39.16 8.14 23.77
CA HIS B 97 39.03 7.27 24.93
C HIS B 97 39.59 7.98 26.15
N TYR B 98 39.52 9.30 26.15
CA TYR B 98 40.12 10.12 27.19
C TYR B 98 39.21 10.30 28.40
N SER B 99 37.95 10.67 28.14
CA SER B 99 36.99 10.88 29.22
C SER B 99 35.55 10.71 28.76
N THR B 100 34.69 10.26 29.68
CA THR B 100 33.28 10.04 29.37
C THR B 100 32.53 11.34 29.13
N PRO B 101 31.62 11.34 28.15
CA PRO B 101 31.36 10.18 27.28
C PRO B 101 32.40 10.07 26.18
N PHE B 102 32.76 8.85 25.81
CA PHE B 102 33.77 8.63 24.79
C PHE B 102 33.21 8.88 23.39
N THR B 103 33.25 10.15 22.98
CA THR B 103 32.60 10.59 21.74
C THR B 103 33.32 10.17 20.46
N PHE B 104 32.57 10.13 19.37
CA PHE B 104 33.10 9.73 18.07
C PHE B 104 33.17 10.90 17.11
N GLY B 105 34.00 10.77 16.08
CA GLY B 105 33.97 11.70 14.96
C GLY B 105 32.86 11.25 14.03
N SER B 106 32.39 12.15 13.17
CA SER B 106 31.26 11.85 12.31
C SER B 106 31.64 10.98 11.10
N GLY B 107 32.93 10.77 10.92
CA GLY B 107 33.40 9.82 9.92
C GLY B 107 33.74 10.39 8.56
N THR B 108 34.51 9.62 7.79
CA THR B 108 34.88 9.98 6.43
C THR B 108 34.62 8.81 5.50
N LYS B 109 33.77 9.02 4.50
CA LYS B 109 33.48 7.97 3.52
C LYS B 109 34.53 7.96 2.40
N LEU B 110 35.22 6.83 2.25
CA LEU B 110 36.23 6.68 1.22
C LEU B 110 35.71 5.83 0.06
N GLU B 111 35.64 6.44 -1.12
CA GLU B 111 35.20 5.73 -2.32
C GLU B 111 36.33 5.68 -3.34
N ILE B 112 36.24 4.76 -4.29
CA ILE B 112 37.30 4.55 -5.27
C ILE B 112 36.97 5.08 -6.66
N LYS B 113 37.97 5.66 -7.31
CA LYS B 113 37.84 6.10 -8.69
C LYS B 113 38.52 5.10 -9.61
N ARG B 114 38.02 4.98 -10.84
CA ARG B 114 38.58 4.04 -11.80
C ARG B 114 38.16 4.35 -13.23
N ALA B 115 38.64 3.55 -14.18
CA ALA B 115 38.32 3.73 -15.59
C ALA B 115 36.85 3.43 -15.85
N ASP B 116 36.36 3.84 -17.02
CA ASP B 116 34.97 3.65 -17.39
C ASP B 116 34.61 2.16 -17.45
N ALA B 117 33.31 1.89 -17.28
CA ALA B 117 32.79 0.53 -17.39
C ALA B 117 31.32 0.60 -17.79
N ALA B 118 31.01 0.16 -19.01
CA ALA B 118 29.64 0.19 -19.50
C ALA B 118 28.80 -0.82 -18.73
N PRO B 119 27.54 -0.44 -18.42
CA PRO B 119 26.64 -1.32 -17.68
C PRO B 119 26.12 -2.46 -18.55
N THR B 120 25.98 -3.65 -17.97
CA THR B 120 25.31 -4.75 -18.64
C THR B 120 23.83 -4.71 -18.27
N VAL B 121 22.98 -4.52 -19.27
CA VAL B 121 21.56 -4.33 -19.03
C VAL B 121 20.73 -5.57 -19.34
N SER B 122 19.83 -5.90 -18.42
CA SER B 122 18.93 -7.03 -18.60
C SER B 122 17.53 -6.65 -18.13
N ILE B 123 16.52 -7.03 -18.91
CA ILE B 123 15.14 -6.75 -18.54
C ILE B 123 14.38 -8.03 -18.30
N PHE B 124 13.47 -8.01 -17.33
CA PHE B 124 12.74 -9.20 -16.92
C PHE B 124 11.24 -8.94 -16.81
N PRO B 125 10.44 -9.60 -17.66
CA PRO B 125 8.98 -9.52 -17.57
C PRO B 125 8.50 -10.12 -16.25
N PRO B 126 7.29 -9.76 -15.81
CA PRO B 126 6.73 -10.36 -14.59
C PRO B 126 6.64 -11.88 -14.72
N SER B 127 6.85 -12.58 -13.61
CA SER B 127 6.82 -14.03 -13.62
C SER B 127 5.40 -14.56 -13.64
N SER B 128 5.22 -15.79 -14.12
CA SER B 128 3.90 -16.41 -14.09
C SER B 128 3.39 -16.48 -12.66
N GLU B 129 4.29 -16.77 -11.74
CA GLU B 129 3.95 -16.85 -10.32
C GLU B 129 3.28 -15.58 -9.83
N GLN B 130 3.88 -14.44 -10.13
CA GLN B 130 3.36 -13.14 -9.68
C GLN B 130 2.03 -12.81 -10.34
N LEU B 131 1.97 -12.97 -11.66
CA LEU B 131 0.74 -12.70 -12.40
C LEU B 131 -0.41 -13.52 -11.86
N THR B 132 -0.12 -14.76 -11.45
CA THR B 132 -1.11 -15.62 -10.83
C THR B 132 -1.83 -14.88 -9.70
N SER B 133 -1.07 -14.05 -8.98
CA SER B 133 -1.58 -13.39 -7.79
C SER B 133 -2.17 -12.01 -8.08
N GLY B 134 -2.00 -11.54 -9.31
CA GLY B 134 -2.56 -10.26 -9.72
C GLY B 134 -1.53 -9.15 -9.81
N GLY B 135 -0.30 -9.46 -9.43
CA GLY B 135 0.79 -8.51 -9.51
C GLY B 135 1.54 -8.59 -10.82
N ALA B 136 2.36 -7.59 -11.10
CA ALA B 136 3.13 -7.55 -12.33
C ALA B 136 4.30 -6.57 -12.24
N SER B 137 5.45 -7.08 -11.81
CA SER B 137 6.64 -6.25 -11.69
C SER B 137 7.59 -6.49 -12.87
N VAL B 138 8.04 -5.39 -13.49
CA VAL B 138 9.03 -5.48 -14.55
C VAL B 138 10.39 -5.02 -14.01
N VAL B 139 11.37 -5.91 -14.04
CA VAL B 139 12.67 -5.64 -13.44
C VAL B 139 13.76 -5.41 -14.49
N CYS B 140 14.61 -4.41 -14.25
CA CYS B 140 15.73 -4.12 -15.13
C CYS B 140 17.02 -4.00 -14.33
N PHE B 141 18.02 -4.81 -14.69
CA PHE B 141 19.32 -4.77 -14.01
C PHE B 141 20.35 -4.03 -14.84
N LEU B 142 21.02 -3.06 -14.22
CA LEU B 142 22.15 -2.39 -14.84
C LEU B 142 23.39 -2.70 -13.99
N ASN B 143 24.20 -3.65 -14.46
CA ASN B 143 25.26 -4.20 -13.62
C ASN B 143 26.69 -3.80 -14.00
N ASN B 144 27.51 -3.61 -12.96
CA ASN B 144 28.94 -3.39 -13.11
C ASN B 144 29.30 -2.23 -14.04
N PHE B 145 28.90 -1.02 -13.66
CA PHE B 145 29.21 0.17 -14.44
C PHE B 145 29.97 1.21 -13.63
N TYR B 146 30.72 2.05 -14.34
CA TYR B 146 31.40 3.19 -13.74
C TYR B 146 31.61 4.24 -14.82
N PRO B 147 31.44 5.53 -14.48
CA PRO B 147 31.15 6.05 -13.14
C PRO B 147 29.73 5.76 -12.64
N LYS B 148 29.42 6.27 -11.45
CA LYS B 148 28.15 5.98 -10.80
C LYS B 148 26.97 6.67 -11.45
N ASP B 149 27.17 7.89 -11.95
CA ASP B 149 26.09 8.63 -12.59
C ASP B 149 25.48 7.85 -13.75
N ILE B 150 24.16 7.81 -13.79
CA ILE B 150 23.45 7.04 -14.79
C ILE B 150 21.97 7.43 -14.73
N ASN B 151 21.19 6.97 -15.70
CA ASN B 151 19.76 7.23 -15.70
C ASN B 151 18.97 6.20 -16.50
N VAL B 152 17.93 5.65 -15.86
CA VAL B 152 17.08 4.67 -16.51
C VAL B 152 15.77 5.30 -16.95
N LYS B 153 15.37 5.03 -18.18
CA LYS B 153 14.08 5.47 -18.67
C LYS B 153 13.21 4.26 -19.02
N TRP B 154 12.02 4.21 -18.44
CA TRP B 154 11.05 3.18 -18.78
C TRP B 154 10.10 3.69 -19.84
N LYS B 155 9.79 2.85 -20.82
CA LYS B 155 8.85 3.22 -21.87
C LYS B 155 7.82 2.12 -22.08
N ILE B 156 6.56 2.52 -22.14
CA ILE B 156 5.47 1.58 -22.40
C ILE B 156 4.82 1.89 -23.75
N ASP B 157 5.00 0.99 -24.70
CA ASP B 157 4.53 1.22 -26.07
C ASP B 157 5.15 2.49 -26.66
N GLY B 158 6.43 2.70 -26.39
CA GLY B 158 7.17 3.79 -27.00
C GLY B 158 7.00 5.13 -26.32
N SER B 159 6.32 5.15 -25.18
CA SER B 159 6.12 6.40 -24.44
C SER B 159 6.65 6.27 -23.01
N GLU B 160 7.35 7.31 -22.56
CA GLU B 160 7.99 7.27 -21.25
C GLU B 160 7.01 7.08 -20.10
N ARG B 161 7.39 6.22 -19.15
CA ARG B 161 6.61 5.96 -17.94
C ARG B 161 7.50 6.22 -16.74
N GLN B 162 7.11 7.19 -15.90
CA GLN B 162 7.95 7.60 -14.78
C GLN B 162 7.45 7.08 -13.42
N ASN B 163 6.17 7.25 -13.15
CA ASN B 163 5.61 6.85 -11.86
C ASN B 163 5.62 5.34 -11.67
N GLY B 164 5.80 4.90 -10.42
CA GLY B 164 5.82 3.50 -10.10
C GLY B 164 7.18 2.84 -10.33
N VAL B 165 8.20 3.67 -10.50
CA VAL B 165 9.56 3.17 -10.70
C VAL B 165 10.42 3.39 -9.47
N LEU B 166 10.96 2.30 -8.93
CA LEU B 166 11.85 2.36 -7.77
C LEU B 166 13.20 1.75 -8.09
N ASN B 167 14.27 2.48 -7.76
CA ASN B 167 15.63 2.02 -8.02
C ASN B 167 16.37 1.65 -6.74
N SER B 168 17.39 0.80 -6.89
CA SER B 168 18.22 0.42 -5.75
C SER B 168 19.66 0.23 -6.18
N TRP B 169 20.57 0.81 -5.41
CA TRP B 169 22.00 0.77 -5.73
C TRP B 169 22.78 -0.16 -4.80
N THR B 170 23.70 -0.91 -5.38
CA THR B 170 24.63 -1.71 -4.59
C THR B 170 25.75 -0.80 -4.10
N ASP B 171 26.46 -1.25 -3.07
CA ASP B 171 27.65 -0.54 -2.62
C ASP B 171 28.75 -0.77 -3.65
N GLN B 172 29.71 0.14 -3.73
CA GLN B 172 30.81 -0.01 -4.66
C GLN B 172 31.52 -1.32 -4.42
N ASP B 173 31.77 -2.07 -5.49
CA ASP B 173 32.41 -3.38 -5.37
C ASP B 173 33.85 -3.23 -4.85
N SER B 174 34.18 -4.04 -3.86
CA SER B 174 35.50 -3.96 -3.24
C SER B 174 36.59 -4.57 -4.11
N LYS B 175 36.20 -5.06 -5.28
CA LYS B 175 37.16 -5.70 -6.19
C LYS B 175 37.35 -4.95 -7.50
N ASP B 176 36.27 -4.69 -8.22
CA ASP B 176 36.36 -3.98 -9.50
C ASP B 176 35.88 -2.54 -9.41
N SER B 177 35.47 -2.12 -8.22
CA SER B 177 35.11 -0.73 -7.94
C SER B 177 33.96 -0.23 -8.81
N THR B 178 33.14 -1.14 -9.32
CA THR B 178 32.00 -0.75 -10.14
C THR B 178 30.73 -0.65 -9.29
N TYR B 179 29.67 -0.14 -9.90
CA TYR B 179 28.37 -0.07 -9.22
C TYR B 179 27.33 -0.86 -10.00
N SER B 180 26.29 -1.29 -9.32
CA SER B 180 25.17 -1.97 -9.95
C SER B 180 23.86 -1.36 -9.43
N MET B 181 22.88 -1.24 -10.32
CA MET B 181 21.60 -0.67 -9.92
C MET B 181 20.44 -1.48 -10.49
N SER B 182 19.40 -1.65 -9.67
CA SER B 182 18.19 -2.32 -10.10
C SER B 182 17.07 -1.29 -10.27
N SER B 183 16.29 -1.44 -11.34
CA SER B 183 15.16 -0.57 -11.58
C SER B 183 13.88 -1.39 -11.72
N THR B 184 12.88 -1.08 -10.91
CA THR B 184 11.66 -1.88 -10.89
C THR B 184 10.40 -1.06 -11.19
N LEU B 185 9.74 -1.40 -12.30
CA LEU B 185 8.45 -0.81 -12.63
C LEU B 185 7.34 -1.71 -12.11
N THR B 186 6.63 -1.26 -11.09
CA THR B 186 5.59 -2.08 -10.47
C THR B 186 4.21 -1.74 -11.00
N LEU B 187 3.60 -2.72 -11.66
CA LEU B 187 2.26 -2.57 -12.20
C LEU B 187 1.34 -3.62 -11.58
N THR B 188 0.11 -3.68 -12.05
CA THR B 188 -0.77 -4.79 -11.71
C THR B 188 -0.99 -5.63 -12.95
N LYS B 189 -1.46 -6.85 -12.78
CA LYS B 189 -1.69 -7.73 -13.92
C LYS B 189 -2.58 -7.06 -14.95
N ASP B 190 -3.70 -6.50 -14.49
CA ASP B 190 -4.64 -5.81 -15.37
C ASP B 190 -3.98 -4.67 -16.15
N GLU B 191 -3.21 -3.84 -15.45
CA GLU B 191 -2.51 -2.74 -16.08
C GLU B 191 -1.49 -3.26 -17.09
N TYR B 192 -0.71 -4.25 -16.66
CA TYR B 192 0.34 -4.83 -17.48
C TYR B 192 -0.20 -5.41 -18.79
N GLU B 193 -1.39 -5.99 -18.74
CA GLU B 193 -1.96 -6.68 -19.89
C GLU B 193 -2.63 -5.75 -20.91
N ARG B 194 -2.64 -4.45 -20.63
CA ARG B 194 -3.24 -3.49 -21.54
C ARG B 194 -2.20 -2.81 -22.43
N HIS B 195 -0.95 -3.27 -22.31
CA HIS B 195 0.14 -2.71 -23.13
C HIS B 195 0.94 -3.86 -23.76
N ASN B 196 1.71 -3.55 -24.80
CA ASN B 196 2.43 -4.58 -25.54
C ASN B 196 3.94 -4.58 -25.32
N SER B 197 4.61 -3.49 -25.69
CA SER B 197 6.06 -3.42 -25.60
C SER B 197 6.54 -2.70 -24.35
N TYR B 198 7.48 -3.32 -23.63
CA TYR B 198 8.08 -2.71 -22.44
C TYR B 198 9.58 -2.51 -22.64
N THR B 199 10.07 -1.32 -22.30
CA THR B 199 11.44 -0.95 -22.61
C THR B 199 12.21 -0.37 -21.42
N CYS B 200 13.44 -0.83 -21.23
CA CYS B 200 14.34 -0.27 -20.24
C CYS B 200 15.52 0.40 -20.95
N GLU B 201 15.61 1.72 -20.85
CA GLU B 201 16.68 2.47 -21.50
C GLU B 201 17.69 3.00 -20.50
N ALA B 202 18.95 2.62 -20.67
CA ALA B 202 20.01 3.05 -19.79
C ALA B 202 20.92 4.06 -20.48
N THR B 203 20.98 5.27 -19.93
CA THR B 203 21.90 6.29 -20.44
C THR B 203 23.12 6.43 -19.51
N HIS B 204 24.30 6.18 -20.06
CA HIS B 204 25.53 6.20 -19.28
C HIS B 204 26.63 6.89 -20.07
N LYS B 205 27.55 7.55 -19.38
CA LYS B 205 28.61 8.32 -20.02
C LYS B 205 29.44 7.49 -21.00
N THR B 206 29.46 6.17 -20.79
CA THR B 206 30.25 5.29 -21.64
C THR B 206 29.70 5.18 -23.05
N SER B 207 28.64 5.93 -23.34
CA SER B 207 28.03 5.92 -24.67
C SER B 207 27.06 7.09 -24.85
N THR B 208 27.14 7.73 -26.01
CA THR B 208 26.26 8.85 -26.33
C THR B 208 24.82 8.38 -26.53
N SER B 209 24.67 7.14 -27.00
CA SER B 209 23.35 6.57 -27.22
C SER B 209 22.99 5.60 -26.08
N PRO B 210 21.69 5.55 -25.74
CA PRO B 210 21.21 4.71 -24.63
C PRO B 210 21.34 3.22 -24.93
N ILE B 211 21.59 2.42 -23.91
CA ILE B 211 21.53 0.97 -24.05
C ILE B 211 20.08 0.54 -23.86
N VAL B 212 19.50 -0.06 -24.90
CA VAL B 212 18.07 -0.35 -24.90
C VAL B 212 17.78 -1.85 -24.78
N LYS B 213 16.90 -2.18 -23.85
CA LYS B 213 16.43 -3.55 -23.67
C LYS B 213 14.90 -3.58 -23.65
N SER B 214 14.31 -4.41 -24.49
CA SER B 214 12.86 -4.45 -24.61
C SER B 214 12.32 -5.88 -24.74
N PHE B 215 11.00 -6.00 -24.64
CA PHE B 215 10.31 -7.25 -24.89
C PHE B 215 8.84 -6.96 -25.17
N ASN B 216 8.19 -7.86 -25.89
CA ASN B 216 6.76 -7.72 -26.19
C ASN B 216 5.95 -8.75 -25.42
N ARG B 217 5.01 -8.26 -24.61
CA ARG B 217 4.20 -9.14 -23.77
C ARG B 217 3.42 -10.15 -24.61
N GLN C 1 -14.00 -11.99 7.20
CA GLN C 1 -13.63 -12.54 8.49
C GLN C 1 -14.70 -12.22 9.53
N VAL C 2 -15.54 -11.25 9.20
CA VAL C 2 -16.63 -10.83 10.08
C VAL C 2 -17.87 -10.50 9.28
N GLN C 3 -19.04 -10.79 9.84
CA GLN C 3 -20.30 -10.46 9.18
C GLN C 3 -21.20 -9.60 10.05
N LEU C 4 -21.59 -8.45 9.54
CA LEU C 4 -22.56 -7.58 10.19
C LEU C 4 -23.83 -7.52 9.35
N GLN C 5 -24.77 -8.41 9.66
CA GLN C 5 -25.97 -8.60 8.85
C GLN C 5 -27.07 -7.60 9.17
N GLN C 6 -27.47 -6.82 8.17
CA GLN C 6 -28.56 -5.86 8.32
C GLN C 6 -29.57 -6.03 7.19
N PRO C 7 -30.86 -5.83 7.49
CA PRO C 7 -31.91 -5.88 6.46
C PRO C 7 -31.71 -4.80 5.42
N GLY C 8 -31.84 -5.15 4.15
CA GLY C 8 -31.62 -4.21 3.07
C GLY C 8 -32.46 -2.95 3.15
N SER C 9 -33.69 -3.08 3.65
CA SER C 9 -34.59 -1.94 3.70
C SER C 9 -35.55 -2.00 4.88
N VAL C 10 -36.00 -0.82 5.30
CA VAL C 10 -37.08 -0.69 6.27
C VAL C 10 -38.00 0.45 5.81
N LEU C 11 -39.29 0.18 5.75
CA LEU C 11 -40.26 1.20 5.37
C LEU C 11 -40.98 1.71 6.61
N VAL C 12 -40.88 3.01 6.87
CA VAL C 12 -41.44 3.59 8.08
C VAL C 12 -42.30 4.82 7.81
N ARG C 13 -43.50 4.84 8.40
CA ARG C 13 -44.39 5.98 8.29
C ARG C 13 -43.82 7.19 9.02
N PRO C 14 -44.00 8.38 8.44
CA PRO C 14 -43.60 9.61 9.11
C PRO C 14 -44.24 9.72 10.48
N GLY C 15 -43.44 9.99 11.51
CA GLY C 15 -43.96 10.11 12.87
C GLY C 15 -43.77 8.83 13.68
N ALA C 16 -43.66 7.71 12.97
CA ALA C 16 -43.46 6.42 13.63
C ALA C 16 -41.99 6.23 13.99
N SER C 17 -41.72 5.20 14.79
CA SER C 17 -40.35 4.85 15.13
C SER C 17 -39.97 3.56 14.43
N VAL C 18 -38.68 3.25 14.43
CA VAL C 18 -38.22 2.00 13.83
C VAL C 18 -37.00 1.47 14.59
N LYS C 19 -36.92 0.14 14.70
CA LYS C 19 -35.81 -0.48 15.39
C LYS C 19 -34.95 -1.28 14.43
N LEU C 20 -33.75 -0.78 14.13
CA LEU C 20 -32.85 -1.41 13.19
C LEU C 20 -32.00 -2.49 13.88
N SER C 21 -31.82 -3.62 13.21
CA SER C 21 -31.08 -4.73 13.78
C SER C 21 -29.75 -4.96 13.08
N CYS C 22 -28.75 -5.38 13.86
CA CYS C 22 -27.43 -5.69 13.35
C CYS C 22 -26.90 -6.98 13.96
N LYS C 23 -27.02 -8.08 13.22
CA LYS C 23 -26.60 -9.38 13.73
C LYS C 23 -25.14 -9.68 13.40
N ALA C 24 -24.33 -9.85 14.43
CA ALA C 24 -22.89 -10.01 14.27
C ALA C 24 -22.43 -11.47 14.41
N SER C 25 -21.38 -11.81 13.68
CA SER C 25 -20.79 -13.14 13.73
C SER C 25 -19.35 -13.11 13.22
N GLY C 26 -18.58 -14.13 13.57
CA GLY C 26 -17.20 -14.22 13.12
C GLY C 26 -16.21 -13.65 14.12
N TYR C 27 -16.71 -13.15 15.24
CA TYR C 27 -15.84 -12.61 16.28
C TYR C 27 -16.56 -12.57 17.62
N THR C 28 -15.81 -12.34 18.69
CA THR C 28 -16.39 -12.25 20.03
C THR C 28 -17.19 -10.97 20.17
N PHE C 29 -18.51 -11.11 20.19
CA PHE C 29 -19.43 -9.98 20.18
C PHE C 29 -19.16 -8.96 21.28
N THR C 30 -18.79 -9.44 22.47
CA THR C 30 -18.64 -8.56 23.63
C THR C 30 -17.29 -7.85 23.72
N SER C 31 -16.41 -8.09 22.75
CA SER C 31 -15.08 -7.50 22.80
C SER C 31 -14.87 -6.30 21.87
N SER C 32 -15.98 -5.78 21.33
CA SER C 32 -15.91 -4.61 20.46
C SER C 32 -17.12 -3.70 20.64
N TRP C 33 -16.87 -2.40 20.73
CA TRP C 33 -17.94 -1.42 20.71
C TRP C 33 -18.65 -1.53 19.37
N MET C 34 -19.97 -1.37 19.38
CA MET C 34 -20.72 -1.35 18.13
C MET C 34 -21.17 0.06 17.84
N HIS C 35 -20.70 0.61 16.71
CA HIS C 35 -21.02 1.97 16.31
C HIS C 35 -22.19 2.00 15.34
N TRP C 36 -22.88 3.12 15.30
CA TRP C 36 -23.91 3.36 14.29
C TRP C 36 -23.62 4.66 13.57
N ALA C 37 -23.72 4.64 12.24
CA ALA C 37 -23.46 5.83 11.44
C ALA C 37 -24.57 6.04 10.42
N LYS C 38 -24.75 7.29 10.00
CA LYS C 38 -25.81 7.64 9.08
C LYS C 38 -25.26 8.20 7.77
N GLN C 39 -25.83 7.77 6.66
CA GLN C 39 -25.40 8.25 5.35
C GLN C 39 -26.57 8.43 4.39
N ARG C 40 -26.92 9.68 4.11
CA ARG C 40 -27.92 9.98 3.11
C ARG C 40 -27.30 9.77 1.73
N PRO C 41 -28.09 9.24 0.79
CA PRO C 41 -27.61 8.88 -0.55
C PRO C 41 -26.90 10.03 -1.25
N GLY C 42 -25.61 9.85 -1.54
CA GLY C 42 -24.85 10.83 -2.28
C GLY C 42 -24.24 11.95 -1.46
N GLN C 43 -24.19 11.77 -0.15
CA GLN C 43 -23.54 12.74 0.72
C GLN C 43 -22.70 12.11 1.84
N GLY C 44 -22.30 12.91 2.81
CA GLY C 44 -21.34 12.50 3.82
C GLY C 44 -21.84 11.50 4.84
N LEU C 45 -21.00 11.24 5.84
CA LEU C 45 -21.30 10.29 6.91
C LEU C 45 -21.39 10.99 8.26
N GLU C 46 -22.34 10.55 9.08
CA GLU C 46 -22.48 11.06 10.44
C GLU C 46 -22.36 9.95 11.46
N TRP C 47 -21.76 10.25 12.60
CA TRP C 47 -21.62 9.28 13.68
C TRP C 47 -22.77 9.44 14.66
N ILE C 48 -23.59 8.40 14.79
CA ILE C 48 -24.76 8.46 15.66
C ILE C 48 -24.40 8.19 17.12
N GLY C 49 -23.64 7.11 17.34
CA GLY C 49 -23.25 6.73 18.68
C GLY C 49 -22.63 5.36 18.73
N GLU C 50 -22.35 4.87 19.94
CA GLU C 50 -21.72 3.58 20.13
C GLU C 50 -22.25 2.90 21.38
N ILE C 51 -22.13 1.58 21.43
CA ILE C 51 -22.55 0.82 22.59
C ILE C 51 -21.56 -0.30 22.89
N HIS C 52 -21.26 -0.49 24.18
CA HIS C 52 -20.38 -1.55 24.62
C HIS C 52 -21.19 -2.79 25.02
N PRO C 53 -21.15 -3.84 24.19
CA PRO C 53 -21.93 -5.06 24.39
C PRO C 53 -21.69 -5.67 25.77
N ASN C 54 -20.48 -5.54 26.29
CA ASN C 54 -20.13 -6.12 27.58
C ASN C 54 -20.84 -5.45 28.76
N SER C 55 -20.77 -4.12 28.81
CA SER C 55 -21.28 -3.37 29.96
C SER C 55 -22.64 -2.73 29.69
N GLY C 56 -22.95 -2.50 28.41
CA GLY C 56 -24.18 -1.83 28.04
C GLY C 56 -23.99 -0.33 28.01
N ASN C 57 -22.76 0.12 28.27
CA ASN C 57 -22.44 1.53 28.21
C ASN C 57 -22.63 2.10 26.81
N THR C 58 -23.06 3.35 26.74
CA THR C 58 -23.30 4.00 25.45
C THR C 58 -22.76 5.43 25.42
N ASN C 59 -22.36 5.86 24.23
CA ASN C 59 -22.00 7.25 23.99
C ASN C 59 -22.72 7.74 22.74
N TYR C 60 -23.48 8.82 22.89
CA TYR C 60 -24.30 9.33 21.78
C TYR C 60 -23.74 10.63 21.21
N ASN C 61 -23.95 10.83 19.91
CA ASN C 61 -23.71 12.12 19.31
C ASN C 61 -24.80 13.06 19.78
N GLU C 62 -24.40 14.20 20.34
CA GLU C 62 -25.32 15.16 20.89
C GLU C 62 -26.49 15.43 19.94
N LYS C 63 -26.22 15.33 18.65
CA LYS C 63 -27.21 15.64 17.62
C LYS C 63 -28.27 14.56 17.46
N PHE C 64 -27.94 13.34 17.87
CA PHE C 64 -28.88 12.22 17.77
C PHE C 64 -29.38 11.78 19.13
N LYS C 65 -29.05 12.56 20.16
CA LYS C 65 -29.39 12.19 21.54
C LYS C 65 -30.88 11.98 21.75
N GLY C 66 -31.71 12.83 21.16
CA GLY C 66 -33.15 12.73 21.31
C GLY C 66 -33.80 11.98 20.16
N LYS C 67 -32.98 11.27 19.39
CA LYS C 67 -33.47 10.57 18.20
C LYS C 67 -33.19 9.07 18.25
N ALA C 68 -32.04 8.70 18.78
CA ALA C 68 -31.60 7.30 18.74
C ALA C 68 -31.41 6.67 20.11
N THR C 69 -31.71 5.38 20.21
CA THR C 69 -31.48 4.61 21.42
C THR C 69 -30.78 3.30 21.07
N LEU C 70 -29.54 3.15 21.53
CA LEU C 70 -28.76 1.96 21.24
C LEU C 70 -28.99 0.86 22.28
N THR C 71 -29.11 -0.37 21.81
CA THR C 71 -29.21 -1.53 22.69
C THR C 71 -28.48 -2.72 22.08
N VAL C 72 -28.25 -3.75 22.89
CA VAL C 72 -27.65 -4.98 22.42
C VAL C 72 -28.35 -6.19 23.01
N ASP C 73 -28.24 -7.32 22.32
CA ASP C 73 -28.72 -8.59 22.85
C ASP C 73 -27.60 -9.61 22.73
N THR C 74 -26.80 -9.74 23.79
CA THR C 74 -25.63 -10.59 23.77
C THR C 74 -25.97 -12.06 23.54
N SER C 75 -27.20 -12.45 23.88
CA SER C 75 -27.63 -13.84 23.70
C SER C 75 -27.67 -14.20 22.23
N SER C 76 -27.98 -13.22 21.39
CA SER C 76 -28.09 -13.46 19.95
C SER C 76 -27.05 -12.64 19.17
N SER C 77 -26.10 -12.07 19.89
CA SER C 77 -25.06 -11.24 19.27
C SER C 77 -25.66 -10.22 18.30
N THR C 78 -26.70 -9.53 18.75
CA THR C 78 -27.39 -8.56 17.90
C THR C 78 -27.40 -7.18 18.53
N ALA C 79 -27.09 -6.16 17.72
CA ALA C 79 -27.14 -4.78 18.16
C ALA C 79 -28.29 -4.04 17.47
N TYR C 80 -28.95 -3.16 18.20
CA TYR C 80 -30.08 -2.42 17.65
C TYR C 80 -29.92 -0.92 17.82
N VAL C 81 -30.58 -0.16 16.95
CA VAL C 81 -30.75 1.26 17.16
C VAL C 81 -32.23 1.62 16.98
N ASP C 82 -32.81 2.23 18.00
CA ASP C 82 -34.22 2.62 17.95
C ASP C 82 -34.33 4.09 17.56
N LEU C 83 -34.91 4.35 16.39
CA LEU C 83 -35.06 5.71 15.88
C LEU C 83 -36.49 6.22 16.06
N SER C 84 -36.63 7.37 16.69
CA SER C 84 -37.95 7.88 17.08
C SER C 84 -38.51 8.93 16.12
N SER C 85 -39.83 8.95 15.99
CA SER C 85 -40.56 9.98 15.24
C SER C 85 -39.82 10.40 13.97
N LEU C 86 -39.76 9.50 12.98
CA LEU C 86 -39.00 9.76 11.77
C LEU C 86 -39.60 10.85 10.88
N THR C 87 -38.74 11.69 10.33
CA THR C 87 -39.12 12.65 9.31
C THR C 87 -38.38 12.30 8.02
N SER C 88 -38.57 13.10 6.98
CA SER C 88 -37.90 12.85 5.71
C SER C 88 -36.39 13.04 5.85
N GLU C 89 -35.98 13.75 6.90
CA GLU C 89 -34.57 14.01 7.15
C GLU C 89 -33.90 12.75 7.67
N ASP C 90 -34.70 11.78 8.08
CA ASP C 90 -34.19 10.54 8.67
C ASP C 90 -34.00 9.44 7.63
N SER C 91 -34.54 9.65 6.43
CA SER C 91 -34.33 8.71 5.34
C SER C 91 -32.85 8.64 4.96
N ALA C 92 -32.27 7.45 5.08
CA ALA C 92 -30.86 7.25 4.77
C ALA C 92 -30.44 5.80 4.98
N VAL C 93 -29.18 5.51 4.70
CA VAL C 93 -28.62 4.21 5.00
C VAL C 93 -27.99 4.24 6.38
N TYR C 94 -28.34 3.28 7.22
CA TYR C 94 -27.80 3.21 8.57
C TYR C 94 -26.85 2.03 8.75
N TYR C 95 -25.58 2.34 8.97
CA TYR C 95 -24.57 1.30 9.14
C TYR C 95 -24.30 1.01 10.62
N CYS C 96 -24.11 -0.26 10.94
CA CYS C 96 -23.54 -0.65 12.22
C CYS C 96 -22.09 -1.01 11.96
N VAL C 97 -21.20 -0.65 12.89
CA VAL C 97 -19.78 -0.84 12.67
C VAL C 97 -19.11 -1.48 13.88
N ARG C 98 -18.41 -2.60 13.66
CA ARG C 98 -17.60 -3.19 14.71
C ARG C 98 -16.39 -2.30 14.95
N GLY C 99 -16.33 -1.68 16.11
CA GLY C 99 -15.30 -0.69 16.38
C GLY C 99 -15.27 0.33 15.26
N PHE C 100 -14.08 0.63 14.76
CA PHE C 100 -13.93 1.49 13.61
C PHE C 100 -13.47 0.69 12.41
N ALA C 101 -13.44 -0.63 12.56
CA ALA C 101 -12.76 -1.50 11.59
C ALA C 101 -13.66 -2.09 10.48
N TYR C 102 -14.84 -2.57 10.85
CA TYR C 102 -15.69 -3.27 9.87
C TYR C 102 -17.11 -2.70 9.79
N TRP C 103 -17.50 -2.29 8.58
CA TRP C 103 -18.82 -1.73 8.34
C TRP C 103 -19.82 -2.79 7.91
N GLY C 104 -21.06 -2.67 8.40
CA GLY C 104 -22.10 -3.63 8.09
C GLY C 104 -22.71 -3.43 6.71
N GLN C 105 -23.70 -4.26 6.39
CA GLN C 105 -24.34 -4.21 5.09
C GLN C 105 -25.15 -2.94 4.90
N GLY C 106 -25.62 -2.37 6.01
CA GLY C 106 -26.39 -1.14 5.97
C GLY C 106 -27.85 -1.36 5.69
N THR C 107 -28.70 -0.54 6.31
CA THR C 107 -30.14 -0.62 6.11
C THR C 107 -30.68 0.66 5.52
N LEU C 108 -31.31 0.57 4.36
CA LEU C 108 -31.91 1.73 3.73
C LEU C 108 -33.26 2.04 4.38
N VAL C 109 -33.29 3.09 5.20
CA VAL C 109 -34.53 3.51 5.86
C VAL C 109 -35.29 4.48 4.97
N THR C 110 -36.47 4.06 4.50
CA THR C 110 -37.31 4.90 3.68
C THR C 110 -38.50 5.41 4.48
N VAL C 111 -38.56 6.72 4.68
CA VAL C 111 -39.66 7.34 5.40
C VAL C 111 -40.73 7.79 4.42
N SER C 112 -41.87 7.12 4.46
CA SER C 112 -42.96 7.40 3.52
C SER C 112 -44.27 6.75 3.96
N ALA C 113 -45.38 7.31 3.51
CA ALA C 113 -46.70 6.76 3.81
C ALA C 113 -47.16 5.86 2.67
N ALA C 114 -46.34 5.75 1.64
CA ALA C 114 -46.66 4.91 0.49
C ALA C 114 -46.58 3.43 0.84
N LYS C 115 -47.27 2.60 0.06
CA LYS C 115 -47.34 1.17 0.33
C LYS C 115 -46.23 0.40 -0.37
N THR C 116 -45.83 -0.72 0.24
CA THR C 116 -44.88 -1.62 -0.40
C THR C 116 -45.52 -2.22 -1.64
N THR C 117 -44.76 -2.23 -2.74
CA THR C 117 -45.27 -2.75 -4.00
C THR C 117 -44.26 -3.68 -4.66
N ALA C 118 -44.71 -4.90 -4.97
CA ALA C 118 -43.86 -5.88 -5.63
C ALA C 118 -43.58 -5.45 -7.06
N PRO C 119 -42.35 -5.71 -7.53
CA PRO C 119 -41.93 -5.31 -8.88
C PRO C 119 -42.37 -6.29 -9.95
N SER C 120 -42.42 -5.83 -11.19
CA SER C 120 -42.63 -6.70 -12.33
C SER C 120 -41.32 -6.81 -13.08
N VAL C 121 -40.92 -8.03 -13.41
CA VAL C 121 -39.67 -8.26 -14.11
C VAL C 121 -39.91 -8.62 -15.57
N TYR C 122 -39.46 -7.74 -16.46
CA TYR C 122 -39.65 -7.93 -17.89
C TYR C 122 -38.33 -8.23 -18.58
N PRO C 123 -38.36 -9.14 -19.57
CA PRO C 123 -37.15 -9.50 -20.33
C PRO C 123 -36.87 -8.49 -21.44
N LEU C 124 -35.59 -8.19 -21.65
CA LEU C 124 -35.20 -7.27 -22.73
C LEU C 124 -34.39 -8.01 -23.79
N ALA C 125 -35.03 -8.30 -24.91
CA ALA C 125 -34.38 -9.01 -26.01
C ALA C 125 -34.42 -8.19 -27.29
N PRO C 126 -33.41 -8.38 -28.16
CA PRO C 126 -33.34 -7.67 -29.45
C PRO C 126 -34.52 -8.02 -30.34
N VAL C 127 -34.96 -7.07 -31.17
CA VAL C 127 -36.10 -7.30 -32.05
C VAL C 127 -35.76 -8.32 -33.13
N SER C 134 -20.77 -9.48 -33.53
CA SER C 134 -19.71 -10.04 -32.69
C SER C 134 -20.16 -10.13 -31.23
N SER C 135 -21.00 -9.20 -30.82
CA SER C 135 -21.48 -9.16 -29.45
C SER C 135 -22.98 -8.93 -29.41
N VAL C 136 -23.65 -9.45 -28.39
CA VAL C 136 -25.07 -9.24 -28.21
C VAL C 136 -25.37 -8.77 -26.79
N THR C 137 -26.24 -7.76 -26.68
CA THR C 137 -26.60 -7.20 -25.38
C THR C 137 -28.05 -7.51 -24.98
N LEU C 138 -28.20 -8.12 -23.82
CA LEU C 138 -29.52 -8.43 -23.29
C LEU C 138 -29.82 -7.56 -22.08
N GLY C 139 -31.07 -7.61 -21.60
CA GLY C 139 -31.44 -6.74 -20.50
C GLY C 139 -32.51 -7.28 -19.56
N CYS C 140 -32.67 -6.61 -18.42
CA CYS C 140 -33.67 -6.98 -17.44
C CYS C 140 -34.34 -5.72 -16.90
N LEU C 141 -35.65 -5.63 -17.08
CA LEU C 141 -36.40 -4.46 -16.62
C LEU C 141 -37.23 -4.75 -15.37
N VAL C 142 -36.85 -4.12 -14.27
CA VAL C 142 -37.56 -4.30 -13.00
C VAL C 142 -38.37 -3.04 -12.70
N LYS C 143 -39.69 -3.13 -12.87
CA LYS C 143 -40.54 -1.95 -12.87
C LYS C 143 -41.67 -1.93 -11.84
N GLY C 144 -41.89 -0.77 -11.24
CA GLY C 144 -43.03 -0.54 -10.38
C GLY C 144 -42.96 -1.15 -8.99
N TYR C 145 -41.83 -0.97 -8.30
CA TYR C 145 -41.68 -1.48 -6.95
C TYR C 145 -41.42 -0.39 -5.92
N PHE C 146 -41.55 -0.75 -4.64
CA PHE C 146 -41.35 0.20 -3.54
C PHE C 146 -41.37 -0.56 -2.22
N PRO C 147 -40.41 -0.24 -1.34
CA PRO C 147 -39.33 0.72 -1.57
C PRO C 147 -38.07 0.03 -2.06
N GLU C 148 -36.99 0.79 -2.20
CA GLU C 148 -35.69 0.21 -2.47
C GLU C 148 -35.27 -0.63 -1.26
N PRO C 149 -34.33 -1.56 -1.45
CA PRO C 149 -33.67 -1.82 -2.73
C PRO C 149 -34.17 -3.09 -3.41
N VAL C 150 -33.59 -3.38 -4.57
CA VAL C 150 -33.77 -4.66 -5.25
C VAL C 150 -32.40 -5.21 -5.61
N THR C 151 -32.24 -6.53 -5.53
CA THR C 151 -30.99 -7.16 -5.94
C THR C 151 -31.17 -7.90 -7.26
N LEU C 152 -30.18 -7.80 -8.13
CA LEU C 152 -30.27 -8.42 -9.46
C LEU C 152 -28.96 -9.07 -9.88
N THR C 153 -29.04 -10.35 -10.23
CA THR C 153 -27.88 -11.08 -10.71
C THR C 153 -28.19 -11.72 -12.07
N TRP C 154 -27.16 -12.18 -12.75
CA TRP C 154 -27.34 -12.90 -14.00
C TRP C 154 -26.79 -14.32 -13.86
N ASN C 155 -27.57 -15.30 -14.31
CA ASN C 155 -27.21 -16.71 -14.15
C ASN C 155 -26.74 -17.05 -12.74
N SER C 156 -27.53 -16.64 -11.75
CA SER C 156 -27.24 -16.92 -10.35
C SER C 156 -25.90 -16.34 -9.91
N GLY C 157 -25.39 -15.37 -10.66
CA GLY C 157 -24.15 -14.71 -10.33
C GLY C 157 -22.96 -15.23 -11.11
N SER C 158 -23.15 -16.33 -11.83
CA SER C 158 -22.08 -16.90 -12.63
C SER C 158 -21.71 -15.97 -13.77
N LEU C 159 -22.67 -15.16 -14.20
CA LEU C 159 -22.45 -14.17 -15.23
C LEU C 159 -22.24 -12.81 -14.58
N SER C 160 -20.99 -12.36 -14.54
CA SER C 160 -20.66 -11.12 -13.83
C SER C 160 -20.01 -10.06 -14.72
N SER C 161 -19.13 -10.50 -15.62
CA SER C 161 -18.44 -9.58 -16.52
C SER C 161 -19.39 -9.10 -17.62
N GLY C 162 -19.23 -7.85 -18.03
CA GLY C 162 -20.07 -7.27 -19.06
C GLY C 162 -21.47 -6.98 -18.54
N VAL C 163 -21.58 -6.78 -17.23
CA VAL C 163 -22.87 -6.50 -16.62
C VAL C 163 -22.97 -5.05 -16.16
N HIS C 164 -24.10 -4.41 -16.49
CA HIS C 164 -24.38 -3.06 -16.03
C HIS C 164 -25.74 -3.01 -15.35
N THR C 165 -25.76 -2.73 -14.06
CA THR C 165 -27.02 -2.52 -13.35
C THR C 165 -27.19 -1.05 -13.04
N PHE C 166 -28.13 -0.42 -13.74
CA PHE C 166 -28.38 1.01 -13.58
C PHE C 166 -29.21 1.31 -12.34
N PRO C 167 -28.80 2.33 -11.57
CA PRO C 167 -29.53 2.72 -10.36
C PRO C 167 -31.00 3.01 -10.65
N ALA C 168 -31.87 2.71 -9.69
CA ALA C 168 -33.30 2.86 -9.88
C ALA C 168 -33.73 4.33 -9.98
N VAL C 169 -34.75 4.59 -10.79
CA VAL C 169 -35.34 5.93 -10.88
C VAL C 169 -36.73 5.93 -10.26
N LEU C 170 -37.01 6.95 -9.46
CA LEU C 170 -38.30 7.04 -8.76
C LEU C 170 -39.28 7.95 -9.48
N GLN C 171 -40.49 7.45 -9.70
CA GLN C 171 -41.56 8.26 -10.28
C GLN C 171 -42.92 7.87 -9.69
N SER C 172 -43.60 8.85 -9.09
CA SER C 172 -44.91 8.62 -8.50
C SER C 172 -44.89 7.47 -7.50
N ASP C 173 -43.93 7.51 -6.59
CA ASP C 173 -43.83 6.53 -5.51
C ASP C 173 -43.54 5.10 -6.00
N LEU C 174 -42.96 4.99 -7.18
CA LEU C 174 -42.59 3.71 -7.74
C LEU C 174 -41.22 3.75 -8.40
N TYR C 175 -40.38 2.78 -8.09
CA TYR C 175 -39.03 2.70 -8.66
C TYR C 175 -38.99 1.82 -9.91
N THR C 176 -38.09 2.15 -10.82
CA THR C 176 -37.82 1.31 -11.97
C THR C 176 -36.31 1.15 -12.16
N LEU C 177 -35.88 -0.09 -12.35
CA LEU C 177 -34.46 -0.39 -12.51
C LEU C 177 -34.24 -1.33 -13.69
N SER C 178 -33.09 -1.20 -14.34
CA SER C 178 -32.77 -2.07 -15.47
C SER C 178 -31.33 -2.57 -15.36
N SER C 179 -31.04 -3.64 -16.08
CA SER C 179 -29.69 -4.22 -16.08
C SER C 179 -29.37 -4.80 -17.45
N SER C 180 -28.14 -4.56 -17.91
CA SER C 180 -27.72 -5.07 -19.21
C SER C 180 -26.59 -6.09 -19.04
N VAL C 181 -26.56 -7.07 -19.93
CA VAL C 181 -25.49 -8.05 -19.95
C VAL C 181 -25.05 -8.30 -21.38
N THR C 182 -23.74 -8.21 -21.63
CA THR C 182 -23.20 -8.39 -22.96
C THR C 182 -22.43 -9.71 -23.07
N VAL C 183 -22.77 -10.50 -24.07
CA VAL C 183 -22.11 -11.78 -24.29
C VAL C 183 -21.69 -11.94 -25.74
N THR C 184 -20.81 -12.90 -26.02
CA THR C 184 -20.36 -13.15 -27.39
C THR C 184 -21.55 -13.50 -28.28
N SER C 185 -21.52 -13.01 -29.51
CA SER C 185 -22.62 -13.23 -30.45
C SER C 185 -22.89 -14.72 -30.67
N SER C 186 -21.90 -15.55 -30.33
CA SER C 186 -21.99 -16.99 -30.59
C SER C 186 -22.49 -17.78 -29.37
N THR C 187 -22.64 -17.12 -28.23
CA THR C 187 -23.10 -17.79 -27.01
C THR C 187 -24.58 -17.57 -26.72
N TRP C 188 -25.27 -16.90 -27.63
CA TRP C 188 -26.70 -16.65 -27.46
C TRP C 188 -27.38 -16.73 -28.82
N PRO C 189 -28.60 -17.27 -28.88
CA PRO C 189 -29.42 -17.71 -27.74
C PRO C 189 -29.26 -19.20 -27.38
N SER C 190 -28.28 -19.88 -27.95
CA SER C 190 -28.08 -21.30 -27.65
C SER C 190 -27.76 -21.53 -26.17
N GLN C 191 -27.02 -20.59 -25.59
CA GLN C 191 -26.72 -20.62 -24.16
C GLN C 191 -27.74 -19.72 -23.45
N SER C 192 -28.35 -20.23 -22.39
CA SER C 192 -29.44 -19.52 -21.73
C SER C 192 -28.94 -18.39 -20.83
N ILE C 193 -29.62 -17.26 -20.90
CA ILE C 193 -29.32 -16.10 -20.06
C ILE C 193 -30.52 -15.77 -19.19
N THR C 194 -30.32 -15.78 -17.88
CA THR C 194 -31.41 -15.53 -16.93
C THR C 194 -31.03 -14.49 -15.88
N CYS C 195 -31.91 -13.50 -15.69
CA CYS C 195 -31.70 -12.49 -14.65
C CYS C 195 -32.47 -12.87 -13.40
N ASN C 196 -31.82 -12.74 -12.25
CA ASN C 196 -32.45 -13.10 -10.98
C ASN C 196 -32.72 -11.86 -10.13
N VAL C 197 -33.99 -11.57 -9.92
CA VAL C 197 -34.38 -10.37 -9.21
C VAL C 197 -35.01 -10.68 -7.85
N ALA C 198 -34.60 -9.95 -6.83
CA ALA C 198 -35.13 -10.14 -5.47
C ALA C 198 -35.55 -8.82 -4.85
N HIS C 199 -36.77 -8.80 -4.31
CA HIS C 199 -37.29 -7.63 -3.61
C HIS C 199 -37.82 -8.04 -2.24
N PRO C 200 -36.91 -8.15 -1.26
CA PRO C 200 -37.21 -8.60 0.10
C PRO C 200 -38.40 -7.88 0.71
N ALA C 201 -38.52 -6.58 0.45
CA ALA C 201 -39.61 -5.78 0.99
C ALA C 201 -40.97 -6.43 0.76
N SER C 202 -41.13 -7.04 -0.42
CA SER C 202 -42.39 -7.67 -0.78
C SER C 202 -42.25 -9.20 -0.88
N SER C 203 -41.13 -9.71 -0.37
CA SER C 203 -40.87 -11.14 -0.39
C SER C 203 -40.91 -11.68 -1.82
N THR C 204 -40.36 -10.91 -2.75
CA THR C 204 -40.40 -11.27 -4.17
C THR C 204 -39.08 -11.84 -4.67
N LYS C 205 -39.15 -13.01 -5.30
CA LYS C 205 -37.99 -13.61 -5.94
C LYS C 205 -38.38 -14.12 -7.32
N VAL C 206 -37.87 -13.45 -8.35
CA VAL C 206 -38.24 -13.78 -9.73
C VAL C 206 -37.03 -14.10 -10.61
N ASP C 207 -37.12 -15.21 -11.33
CA ASP C 207 -36.14 -15.57 -12.33
C ASP C 207 -36.76 -15.44 -13.72
N LYS C 208 -36.14 -14.63 -14.58
CA LYS C 208 -36.67 -14.40 -15.91
C LYS C 208 -35.63 -14.72 -17.00
N LYS C 209 -35.87 -15.80 -17.73
CA LYS C 209 -34.98 -16.17 -18.82
C LYS C 209 -35.23 -15.29 -20.04
N ILE C 210 -34.17 -14.80 -20.64
CA ILE C 210 -34.28 -13.98 -21.85
C ILE C 210 -34.45 -14.86 -23.08
N GLU C 211 -35.66 -14.89 -23.62
CA GLU C 211 -35.95 -15.67 -24.81
C GLU C 211 -35.75 -14.84 -26.07
N PRO C 212 -35.18 -15.45 -27.11
CA PRO C 212 -35.03 -14.75 -28.39
C PRO C 212 -36.40 -14.46 -29.01
N ARG C 213 -36.53 -13.29 -29.62
CA ARG C 213 -37.79 -12.90 -30.25
C ARG C 213 -37.96 -13.58 -31.60
N ASP D 1 -16.83 20.04 19.13
CA ASP D 1 -16.61 18.90 18.24
C ASP D 1 -15.43 19.15 17.31
N ILE D 2 -14.90 18.07 16.74
CA ILE D 2 -13.79 18.18 15.78
C ILE D 2 -14.32 18.22 14.36
N VAL D 3 -13.83 19.17 13.57
CA VAL D 3 -14.24 19.29 12.18
C VAL D 3 -13.17 18.72 11.26
N MET D 4 -13.58 17.83 10.36
CA MET D 4 -12.68 17.22 9.41
C MET D 4 -12.88 17.82 8.02
N THR D 5 -11.82 18.40 7.47
CA THR D 5 -11.89 19.04 6.16
C THR D 5 -11.03 18.29 5.14
N GLN D 6 -11.70 17.69 4.14
CA GLN D 6 -11.01 16.96 3.08
C GLN D 6 -10.90 17.80 1.81
N SER D 7 -9.85 17.55 1.04
CA SER D 7 -9.64 18.22 -0.24
C SER D 7 -8.73 17.38 -1.13
N PRO D 8 -8.99 17.40 -2.45
CA PRO D 8 -10.10 18.14 -3.05
C PRO D 8 -11.42 17.38 -2.93
N SER D 9 -12.52 17.99 -3.38
CA SER D 9 -13.81 17.34 -3.36
C SER D 9 -13.80 16.13 -4.29
N SER D 10 -13.07 16.25 -5.39
CA SER D 10 -12.94 15.15 -6.34
C SER D 10 -11.76 15.39 -7.28
N LEU D 11 -11.29 14.32 -7.92
CA LEU D 11 -10.21 14.41 -8.89
C LEU D 11 -10.21 13.19 -9.81
N ALA D 12 -9.74 13.37 -11.04
CA ALA D 12 -9.63 12.27 -11.97
C ALA D 12 -8.16 12.02 -12.32
N MET D 13 -7.77 10.75 -12.34
CA MET D 13 -6.39 10.39 -12.65
C MET D 13 -6.30 9.13 -13.50
N SER D 14 -5.33 9.11 -14.41
CA SER D 14 -5.12 7.94 -15.26
C SER D 14 -4.52 6.79 -14.46
N VAL D 15 -4.83 5.57 -14.87
CA VAL D 15 -4.27 4.39 -14.23
C VAL D 15 -2.75 4.43 -14.30
N GLY D 16 -2.09 4.12 -13.19
CA GLY D 16 -0.64 4.08 -13.14
C GLY D 16 -0.01 5.37 -12.64
N GLN D 17 -0.83 6.38 -12.41
CA GLN D 17 -0.33 7.66 -11.92
C GLN D 17 -0.63 7.88 -10.44
N LYS D 18 0.12 8.79 -9.82
CA LYS D 18 0.03 9.01 -8.39
C LYS D 18 -1.11 9.94 -7.99
N VAL D 19 -1.69 9.69 -6.83
CA VAL D 19 -2.77 10.52 -6.28
C VAL D 19 -2.54 10.82 -4.81
N THR D 20 -2.71 12.08 -4.43
CA THR D 20 -2.71 12.46 -3.03
C THR D 20 -3.99 13.19 -2.71
N MET D 21 -4.52 12.97 -1.51
CA MET D 21 -5.71 13.67 -1.04
C MET D 21 -5.54 14.10 0.41
N SER D 22 -6.04 15.29 0.73
CA SER D 22 -5.81 15.90 2.04
C SER D 22 -6.96 15.70 3.02
N CYS D 23 -6.60 15.56 4.29
CA CYS D 23 -7.55 15.50 5.38
C CYS D 23 -7.03 16.26 6.58
N LYS D 24 -7.62 17.42 6.85
CA LYS D 24 -7.13 18.28 7.92
C LYS D 24 -8.13 18.38 9.07
N SER D 25 -7.62 18.32 10.29
CA SER D 25 -8.46 18.34 11.49
C SER D 25 -8.38 19.70 12.18
N SER D 26 -9.51 20.13 12.74
CA SER D 26 -9.59 21.41 13.44
C SER D 26 -8.95 21.30 14.82
N GLN D 27 -8.54 20.08 15.18
CA GLN D 27 -7.90 19.83 16.47
C GLN D 27 -6.85 18.73 16.33
N SER D 28 -5.78 18.82 17.12
CA SER D 28 -4.74 17.81 17.11
C SER D 28 -5.32 16.44 17.45
N LEU D 29 -4.99 15.45 16.63
CA LEU D 29 -5.48 14.08 16.83
C LEU D 29 -4.40 13.20 17.44
N LEU D 30 -3.31 13.82 17.87
CA LEU D 30 -2.18 13.11 18.44
C LEU D 30 -2.35 12.89 19.95
N ASN D 31 -2.40 11.63 20.36
CA ASN D 31 -2.41 11.29 21.78
C ASN D 31 -0.98 11.15 22.29
N SER D 32 -0.53 12.15 23.04
CA SER D 32 0.85 12.19 23.52
C SER D 32 1.21 10.98 24.37
N SER D 33 0.22 10.42 25.05
CA SER D 33 0.46 9.33 25.99
C SER D 33 0.86 8.03 25.31
N ASN D 34 0.73 7.97 23.99
CA ASN D 34 1.07 6.76 23.24
C ASN D 34 1.57 7.02 21.81
N GLN D 35 1.79 8.29 21.48
CA GLN D 35 2.33 8.67 20.17
C GLN D 35 1.40 8.27 19.01
N LYS D 36 0.14 8.04 19.30
CA LYS D 36 -0.82 7.64 18.27
C LYS D 36 -1.59 8.82 17.70
N ASN D 37 -1.68 8.87 16.37
CA ASN D 37 -2.58 9.79 15.71
C ASN D 37 -3.90 9.10 15.39
N TYR D 38 -4.94 9.44 16.15
CA TYR D 38 -6.22 8.75 16.02
C TYR D 38 -7.01 9.20 14.78
N LEU D 39 -6.59 8.71 13.62
CA LEU D 39 -7.27 8.99 12.37
C LEU D 39 -7.24 7.77 11.45
N ALA D 40 -8.32 7.55 10.72
CA ALA D 40 -8.40 6.43 9.79
C ALA D 40 -8.89 6.87 8.43
N TRP D 41 -8.49 6.14 7.39
CA TRP D 41 -8.95 6.39 6.04
C TRP D 41 -9.86 5.25 5.58
N TYR D 42 -10.97 5.61 4.93
CA TYR D 42 -11.91 4.60 4.47
C TYR D 42 -12.15 4.73 2.96
N GLN D 43 -12.47 3.61 2.33
CA GLN D 43 -12.80 3.58 0.92
C GLN D 43 -14.21 3.06 0.71
N GLN D 44 -15.02 3.83 -0.01
CA GLN D 44 -16.38 3.39 -0.32
C GLN D 44 -16.62 3.34 -1.82
N LYS D 45 -16.55 2.14 -2.38
CA LYS D 45 -16.84 1.95 -3.80
C LYS D 45 -18.34 2.05 -4.02
N PRO D 46 -18.75 2.43 -5.24
CA PRO D 46 -20.17 2.60 -5.58
C PRO D 46 -21.03 1.43 -5.12
N GLY D 47 -22.07 1.74 -4.34
CA GLY D 47 -23.03 0.74 -3.90
C GLY D 47 -22.50 -0.23 -2.87
N GLN D 48 -21.37 0.12 -2.24
CA GLN D 48 -20.79 -0.74 -1.22
C GLN D 48 -20.68 -0.04 0.13
N SER D 49 -20.40 -0.82 1.16
CA SER D 49 -20.15 -0.29 2.49
C SER D 49 -18.69 0.17 2.58
N PRO D 50 -18.42 1.17 3.44
CA PRO D 50 -17.05 1.65 3.61
C PRO D 50 -16.09 0.54 4.01
N LYS D 51 -14.83 0.67 3.61
CA LYS D 51 -13.81 -0.30 3.93
C LYS D 51 -12.58 0.37 4.52
N LEU D 52 -12.09 -0.15 5.64
CA LEU D 52 -10.92 0.43 6.30
C LEU D 52 -9.66 0.20 5.48
N LEU D 53 -8.97 1.29 5.17
CA LEU D 53 -7.73 1.22 4.41
C LEU D 53 -6.53 1.43 5.33
N VAL D 54 -6.58 2.52 6.09
CA VAL D 54 -5.47 2.91 6.95
C VAL D 54 -6.00 3.40 8.30
N TYR D 55 -5.33 3.01 9.38
CA TYR D 55 -5.71 3.48 10.71
C TYR D 55 -4.49 3.98 11.48
N PHE D 56 -4.74 4.77 12.52
CA PHE D 56 -3.66 5.42 13.27
C PHE D 56 -2.75 6.18 12.31
N ALA D 57 -3.36 6.76 11.28
CA ALA D 57 -2.68 7.64 10.34
C ALA D 57 -1.88 6.93 9.25
N SER D 58 -1.07 5.94 9.64
CA SER D 58 -0.11 5.36 8.70
C SER D 58 -0.09 3.83 8.65
N THR D 59 -0.93 3.18 9.42
CA THR D 59 -0.94 1.71 9.46
C THR D 59 -1.98 1.12 8.52
N ARG D 60 -1.51 0.50 7.43
CA ARG D 60 -2.40 -0.19 6.50
C ARG D 60 -3.16 -1.31 7.20
N GLU D 61 -4.47 -1.34 6.99
CA GLU D 61 -5.27 -2.47 7.45
C GLU D 61 -4.78 -3.71 6.73
N SER D 62 -4.80 -4.85 7.42
CA SER D 62 -4.34 -6.11 6.84
C SER D 62 -5.06 -6.41 5.54
N GLY D 63 -4.30 -6.70 4.49
CA GLY D 63 -4.87 -7.08 3.21
C GLY D 63 -4.97 -5.93 2.23
N VAL D 64 -4.77 -4.71 2.72
CA VAL D 64 -4.82 -3.52 1.87
C VAL D 64 -3.57 -3.39 1.01
N PRO D 65 -3.74 -3.25 -0.31
CA PRO D 65 -2.62 -3.10 -1.24
C PRO D 65 -1.64 -2.02 -0.77
N ASP D 66 -0.35 -2.25 -1.00
CA ASP D 66 0.68 -1.34 -0.52
C ASP D 66 0.74 -0.03 -1.30
N ARG D 67 -0.08 0.08 -2.34
CA ARG D 67 -0.13 1.31 -3.12
C ARG D 67 -0.86 2.41 -2.34
N PHE D 68 -1.58 2.00 -1.31
CA PHE D 68 -2.23 2.94 -0.39
C PHE D 68 -1.28 3.29 0.75
N ILE D 69 -0.96 4.58 0.86
CA ILE D 69 -0.04 5.04 1.89
C ILE D 69 -0.65 6.19 2.69
N GLY D 70 -0.81 5.98 3.99
CA GLY D 70 -1.29 7.03 4.87
C GLY D 70 -0.15 7.71 5.59
N SER D 71 -0.21 9.04 5.67
CA SER D 71 0.84 9.81 6.32
C SER D 71 0.26 11.06 6.97
N GLY D 72 1.06 11.73 7.78
CA GLY D 72 0.62 12.94 8.46
C GLY D 72 0.62 12.81 9.96
N SER D 73 0.46 13.93 10.65
CA SER D 73 0.45 13.96 12.11
C SER D 73 -0.22 15.23 12.63
N GLY D 74 -0.75 15.15 13.85
CA GLY D 74 -1.42 16.30 14.46
C GLY D 74 -2.75 16.63 13.81
N THR D 75 -2.73 17.56 12.86
CA THR D 75 -3.95 18.02 12.22
C THR D 75 -3.91 17.85 10.70
N ASP D 76 -2.73 17.52 10.18
CA ASP D 76 -2.55 17.41 8.73
C ASP D 76 -2.30 15.98 8.30
N PHE D 77 -3.25 15.39 7.59
CA PHE D 77 -3.14 14.01 7.15
C PHE D 77 -3.33 13.87 5.64
N THR D 78 -2.65 12.90 5.05
CA THR D 78 -2.70 12.69 3.62
C THR D 78 -2.81 11.21 3.28
N LEU D 79 -3.69 10.89 2.33
CA LEU D 79 -3.77 9.54 1.79
C LEU D 79 -3.21 9.52 0.37
N THR D 80 -2.18 8.73 0.15
CA THR D 80 -1.57 8.63 -1.16
C THR D 80 -1.82 7.28 -1.82
N ILE D 81 -2.17 7.32 -3.09
CA ILE D 81 -2.21 6.11 -3.91
C ILE D 81 -1.04 6.18 -4.89
N SER D 82 0.05 5.50 -4.54
CA SER D 82 1.28 5.56 -5.32
C SER D 82 1.02 5.34 -6.81
N SER D 83 0.12 4.41 -7.12
CA SER D 83 -0.25 4.14 -8.50
C SER D 83 -1.72 3.74 -8.60
N VAL D 84 -2.55 4.66 -9.06
CA VAL D 84 -3.99 4.43 -9.17
C VAL D 84 -4.30 3.27 -10.11
N GLN D 85 -5.25 2.44 -9.70
CA GLN D 85 -5.74 1.34 -10.53
C GLN D 85 -7.21 1.54 -10.85
N ALA D 86 -7.67 0.90 -11.92
CA ALA D 86 -9.05 1.07 -12.38
C ALA D 86 -10.07 0.78 -11.29
N GLU D 87 -9.78 -0.20 -10.44
CA GLU D 87 -10.72 -0.61 -9.39
C GLU D 87 -10.76 0.35 -8.21
N ASP D 88 -9.90 1.38 -8.24
CA ASP D 88 -9.76 2.28 -7.12
C ASP D 88 -10.81 3.40 -7.09
N LEU D 89 -11.59 3.52 -8.16
CA LEU D 89 -12.63 4.55 -8.21
C LEU D 89 -13.59 4.38 -7.04
N ALA D 90 -13.72 5.44 -6.23
CA ALA D 90 -14.56 5.39 -5.05
C ALA D 90 -14.53 6.71 -4.29
N ASP D 91 -15.35 6.80 -3.24
CA ASP D 91 -15.29 7.93 -2.33
C ASP D 91 -14.37 7.59 -1.17
N TYR D 92 -13.44 8.48 -0.88
CA TYR D 92 -12.49 8.24 0.21
C TYR D 92 -12.75 9.17 1.39
N PHE D 93 -13.13 8.59 2.53
CA PHE D 93 -13.44 9.35 3.73
C PHE D 93 -12.37 9.17 4.79
N CYS D 94 -12.09 10.24 5.52
CA CYS D 94 -11.25 10.15 6.70
C CYS D 94 -12.12 10.32 7.94
N GLN D 95 -11.75 9.67 9.03
CA GLN D 95 -12.50 9.77 10.27
C GLN D 95 -11.57 9.85 11.46
N GLN D 96 -11.85 10.76 12.37
CA GLN D 96 -11.06 10.91 13.59
C GLN D 96 -11.60 10.00 14.69
N HIS D 97 -10.70 9.25 15.32
CA HIS D 97 -11.09 8.32 16.38
C HIS D 97 -10.61 8.83 17.73
N TYR D 98 -10.38 10.14 17.81
CA TYR D 98 -9.82 10.75 19.01
C TYR D 98 -10.84 10.89 20.14
N SER D 99 -11.99 11.48 19.84
CA SER D 99 -13.05 11.66 20.83
C SER D 99 -14.41 11.85 20.19
N THR D 100 -15.46 11.55 20.96
CA THR D 100 -16.83 11.65 20.48
C THR D 100 -17.27 13.10 20.31
N PRO D 101 -18.11 13.37 19.30
CA PRO D 101 -18.52 12.36 18.31
C PRO D 101 -17.43 12.12 17.27
N PHE D 102 -17.27 10.87 16.85
CA PHE D 102 -16.23 10.52 15.88
C PHE D 102 -16.60 10.96 14.47
N THR D 103 -16.35 12.23 14.18
CA THR D 103 -16.79 12.87 12.95
C THR D 103 -16.03 12.41 11.71
N PHE D 104 -16.66 12.60 10.54
CA PHE D 104 -16.08 12.20 9.26
C PHE D 104 -15.78 13.40 8.39
N GLY D 105 -14.82 13.24 7.49
CA GLY D 105 -14.57 14.22 6.46
C GLY D 105 -15.64 14.10 5.40
N SER D 106 -15.78 15.11 4.56
CA SER D 106 -16.83 15.10 3.53
C SER D 106 -16.51 14.15 2.38
N GLY D 107 -15.28 13.64 2.36
CA GLY D 107 -14.89 12.64 1.39
C GLY D 107 -14.34 13.20 0.09
N THR D 108 -13.40 12.47 -0.51
CA THR D 108 -12.84 12.84 -1.79
C THR D 108 -13.20 11.79 -2.83
N LYS D 109 -13.92 12.21 -3.87
CA LYS D 109 -14.31 11.28 -4.93
C LYS D 109 -13.20 11.08 -5.96
N LEU D 110 -12.66 9.88 -6.03
CA LEU D 110 -11.65 9.56 -7.02
C LEU D 110 -12.28 8.98 -8.29
N GLU D 111 -12.00 9.63 -9.42
CA GLU D 111 -12.49 9.16 -10.70
C GLU D 111 -11.32 8.78 -11.60
N ILE D 112 -11.54 7.84 -12.51
CA ILE D 112 -10.49 7.39 -13.41
C ILE D 112 -10.57 8.10 -14.75
N LYS D 113 -9.44 8.61 -15.21
CA LYS D 113 -9.40 9.27 -16.50
C LYS D 113 -8.95 8.30 -17.58
N ARG D 114 -9.71 8.26 -18.67
CA ARG D 114 -9.39 7.39 -19.80
C ARG D 114 -9.69 8.10 -21.12
N ALA D 115 -9.46 7.42 -22.23
CA ALA D 115 -9.69 7.99 -23.56
C ALA D 115 -11.17 8.00 -23.90
N ASP D 116 -11.59 9.02 -24.64
CA ASP D 116 -12.98 9.13 -25.06
C ASP D 116 -13.41 7.89 -25.83
N ALA D 117 -14.63 7.43 -25.59
CA ALA D 117 -15.15 6.26 -26.27
C ALA D 117 -16.63 6.42 -26.62
N ALA D 118 -16.99 6.10 -27.85
CA ALA D 118 -18.37 6.18 -28.29
C ALA D 118 -19.21 5.09 -27.61
N PRO D 119 -20.50 5.36 -27.38
CA PRO D 119 -21.39 4.41 -26.72
C PRO D 119 -21.81 3.28 -27.66
N THR D 120 -22.04 2.10 -27.11
CA THR D 120 -22.64 1.00 -27.86
C THR D 120 -24.14 1.03 -27.57
N VAL D 121 -24.93 1.29 -28.60
CA VAL D 121 -26.37 1.51 -28.41
C VAL D 121 -27.23 0.31 -28.77
N SER D 122 -28.13 -0.04 -27.87
CA SER D 122 -29.07 -1.14 -28.09
C SER D 122 -30.49 -0.71 -27.76
N ILE D 123 -31.45 -1.08 -28.61
CA ILE D 123 -32.85 -0.77 -28.37
C ILE D 123 -33.67 -2.04 -28.14
N PHE D 124 -34.59 -1.96 -27.18
CA PHE D 124 -35.40 -3.12 -26.82
C PHE D 124 -36.88 -2.78 -26.83
N PRO D 125 -37.66 -3.56 -27.58
CA PRO D 125 -39.12 -3.40 -27.63
C PRO D 125 -39.74 -3.84 -26.30
N PRO D 126 -40.94 -3.34 -25.99
CA PRO D 126 -41.64 -3.80 -24.78
C PRO D 126 -41.90 -5.30 -24.82
N SER D 127 -41.78 -5.96 -23.69
CA SER D 127 -41.97 -7.40 -23.63
C SER D 127 -43.45 -7.77 -23.72
N SER D 128 -43.74 -8.98 -24.18
CA SER D 128 -45.11 -9.46 -24.23
C SER D 128 -45.69 -9.53 -22.83
N GLU D 129 -44.83 -9.79 -21.85
CA GLU D 129 -45.25 -9.83 -20.45
C GLU D 129 -45.85 -8.50 -20.02
N GLN D 130 -45.16 -7.41 -20.34
CA GLN D 130 -45.63 -6.08 -19.96
C GLN D 130 -46.89 -5.69 -20.72
N LEU D 131 -46.94 -6.05 -22.00
CA LEU D 131 -48.08 -5.70 -22.84
C LEU D 131 -49.37 -6.34 -22.38
N THR D 132 -49.26 -7.49 -21.72
CA THR D 132 -50.45 -8.17 -21.20
C THR D 132 -51.17 -7.31 -20.17
N SER D 133 -50.42 -6.48 -19.47
CA SER D 133 -50.97 -5.68 -18.39
C SER D 133 -51.28 -4.24 -18.81
N GLY D 134 -51.20 -3.97 -20.11
CA GLY D 134 -51.61 -2.69 -20.65
C GLY D 134 -50.53 -1.63 -20.72
N GLY D 135 -49.32 -1.98 -20.29
CA GLY D 135 -48.20 -1.04 -20.32
C GLY D 135 -47.19 -1.41 -21.39
N ALA D 136 -46.45 -0.41 -21.88
CA ALA D 136 -45.44 -0.64 -22.90
C ALA D 136 -44.21 0.23 -22.69
N SER D 137 -43.10 -0.41 -22.31
CA SER D 137 -41.86 0.31 -22.07
C SER D 137 -40.79 -0.04 -23.10
N VAL D 138 -40.26 0.99 -23.76
CA VAL D 138 -39.17 0.82 -24.72
C VAL D 138 -37.87 1.24 -24.06
N VAL D 139 -36.83 0.42 -24.20
CA VAL D 139 -35.58 0.65 -23.45
C VAL D 139 -34.39 0.88 -24.35
N CYS D 140 -33.50 1.77 -23.94
CA CYS D 140 -32.30 2.08 -24.72
C CYS D 140 -31.08 2.01 -23.82
N PHE D 141 -30.11 1.20 -24.23
CA PHE D 141 -28.85 1.10 -23.50
C PHE D 141 -27.73 1.82 -24.25
N LEU D 142 -27.14 2.82 -23.61
CA LEU D 142 -25.95 3.48 -24.15
C LEU D 142 -24.76 3.04 -23.30
N ASN D 143 -24.06 2.01 -23.76
CA ASN D 143 -23.07 1.34 -22.92
C ASN D 143 -21.61 1.67 -23.20
N ASN D 144 -20.82 1.70 -22.13
CA ASN D 144 -19.37 1.82 -22.20
C ASN D 144 -18.88 3.01 -23.02
N PHE D 145 -19.26 4.22 -22.61
CA PHE D 145 -18.80 5.43 -23.27
C PHE D 145 -18.03 6.33 -22.31
N TYR D 146 -17.35 7.32 -22.86
CA TYR D 146 -16.60 8.29 -22.08
C TYR D 146 -16.32 9.52 -22.94
N PRO D 147 -16.45 10.72 -22.36
CA PRO D 147 -16.78 10.98 -20.95
C PRO D 147 -18.25 10.74 -20.63
N LYS D 148 -18.65 11.09 -19.41
CA LYS D 148 -19.98 10.79 -18.90
C LYS D 148 -21.09 11.58 -19.59
N ASP D 149 -20.80 12.81 -19.99
CA ASP D 149 -21.79 13.66 -20.64
C ASP D 149 -22.33 13.03 -21.93
N ILE D 150 -23.65 12.91 -22.02
CA ILE D 150 -24.28 12.30 -23.16
C ILE D 150 -25.78 12.59 -23.18
N ASN D 151 -26.35 12.67 -24.38
CA ASN D 151 -27.77 12.94 -24.55
C ASN D 151 -28.49 11.86 -25.34
N VAL D 152 -29.65 11.45 -24.86
CA VAL D 152 -30.46 10.47 -25.57
C VAL D 152 -31.77 11.10 -26.02
N LYS D 153 -32.24 10.72 -27.20
CA LYS D 153 -33.42 11.32 -27.80
C LYS D 153 -34.35 10.26 -28.36
N TRP D 154 -35.62 10.29 -27.94
CA TRP D 154 -36.60 9.31 -28.38
C TRP D 154 -37.47 9.87 -29.51
N LYS D 155 -37.85 8.98 -30.43
CA LYS D 155 -38.73 9.34 -31.53
C LYS D 155 -39.76 8.26 -31.78
N ILE D 156 -41.01 8.66 -32.01
CA ILE D 156 -42.06 7.73 -32.39
C ILE D 156 -42.57 8.06 -33.78
N ASP D 157 -42.26 7.19 -34.73
CA ASP D 157 -42.54 7.45 -36.14
C ASP D 157 -41.91 8.76 -36.58
N GLY D 158 -40.71 9.03 -36.07
CA GLY D 158 -39.97 10.22 -36.46
C GLY D 158 -40.23 11.43 -35.59
N SER D 159 -41.25 11.35 -34.75
CA SER D 159 -41.62 12.46 -33.88
C SER D 159 -40.95 12.37 -32.52
N GLU D 160 -40.24 13.43 -32.14
CA GLU D 160 -39.52 13.46 -30.86
C GLU D 160 -40.49 13.46 -29.68
N ARG D 161 -40.18 12.65 -28.67
CA ARG D 161 -40.97 12.59 -27.45
C ARG D 161 -40.09 12.73 -26.22
N GLN D 162 -40.53 13.52 -25.24
CA GLN D 162 -39.74 13.75 -24.05
C GLN D 162 -40.43 13.26 -22.77
N ASN D 163 -41.75 13.41 -22.70
CA ASN D 163 -42.50 12.93 -21.54
C ASN D 163 -42.57 11.41 -21.51
N GLY D 164 -42.50 10.84 -20.31
CA GLY D 164 -42.52 9.39 -20.13
C GLY D 164 -41.14 8.79 -20.28
N VAL D 165 -40.11 9.64 -20.26
CA VAL D 165 -38.74 9.19 -20.39
C VAL D 165 -37.98 9.30 -19.06
N LEU D 166 -37.34 8.21 -18.66
CA LEU D 166 -36.55 8.17 -17.44
C LEU D 166 -35.16 7.62 -17.72
N ASN D 167 -34.13 8.36 -17.30
CA ASN D 167 -32.75 7.96 -17.57
C ASN D 167 -31.99 7.61 -16.30
N SER D 168 -30.96 6.77 -16.43
CA SER D 168 -30.14 6.38 -15.30
C SER D 168 -28.70 6.08 -15.71
N TRP D 169 -27.76 6.74 -15.05
CA TRP D 169 -26.34 6.53 -15.30
C TRP D 169 -25.74 5.54 -14.31
N THR D 170 -24.87 4.66 -14.81
CA THR D 170 -24.12 3.78 -13.93
C THR D 170 -22.96 4.57 -13.34
N ASP D 171 -22.42 4.08 -12.23
CA ASP D 171 -21.17 4.62 -11.73
C ASP D 171 -20.07 4.17 -12.69
N GLN D 172 -18.91 4.82 -12.62
CA GLN D 172 -17.81 4.48 -13.52
C GLN D 172 -17.43 3.01 -13.37
N ASP D 173 -17.25 2.33 -14.49
CA ASP D 173 -16.90 0.91 -14.49
C ASP D 173 -15.54 0.68 -13.83
N SER D 174 -15.48 -0.29 -12.93
CA SER D 174 -14.26 -0.56 -12.17
C SER D 174 -13.22 -1.29 -13.01
N LYS D 175 -13.56 -1.58 -14.26
CA LYS D 175 -12.65 -2.34 -15.13
C LYS D 175 -12.15 -1.53 -16.33
N ASP D 176 -13.05 -0.96 -17.10
CA ASP D 176 -12.66 -0.19 -18.28
C ASP D 176 -12.83 1.31 -18.08
N SER D 177 -13.34 1.70 -16.92
CA SER D 177 -13.44 3.11 -16.54
C SER D 177 -14.42 3.90 -17.40
N THR D 178 -15.34 3.19 -18.07
CA THR D 178 -16.32 3.85 -18.90
C THR D 178 -17.62 4.08 -18.12
N TYR D 179 -18.56 4.77 -18.76
CA TYR D 179 -19.88 4.97 -18.18
C TYR D 179 -20.94 4.34 -19.07
N SER D 180 -22.10 4.06 -18.50
CA SER D 180 -23.24 3.53 -19.25
C SER D 180 -24.50 4.24 -18.80
N MET D 181 -25.48 4.35 -19.70
CA MET D 181 -26.74 5.00 -19.36
C MET D 181 -27.93 4.22 -19.92
N SER D 182 -28.97 4.11 -19.11
CA SER D 182 -30.20 3.43 -19.52
C SER D 182 -31.34 4.44 -19.67
N SER D 183 -32.02 4.37 -20.80
CA SER D 183 -33.15 5.27 -21.06
C SER D 183 -34.41 4.46 -21.33
N THR D 184 -35.49 4.81 -20.64
CA THR D 184 -36.74 4.07 -20.80
C THR D 184 -37.90 4.98 -21.15
N LEU D 185 -38.50 4.72 -22.31
CA LEU D 185 -39.70 5.43 -22.73
C LEU D 185 -40.92 4.56 -22.42
N THR D 186 -41.78 5.03 -21.53
CA THR D 186 -42.95 4.26 -21.13
C THR D 186 -44.25 4.83 -21.69
N LEU D 187 -44.97 4.01 -22.45
CA LEU D 187 -46.26 4.39 -23.00
C LEU D 187 -47.31 3.39 -22.54
N THR D 188 -48.55 3.62 -22.95
CA THR D 188 -49.60 2.62 -22.73
C THR D 188 -49.60 1.69 -23.93
N LYS D 189 -50.12 0.49 -23.74
CA LYS D 189 -50.19 -0.49 -24.82
C LYS D 189 -50.87 0.10 -26.05
N ASP D 190 -51.95 0.83 -25.81
CA ASP D 190 -52.72 1.45 -26.89
C ASP D 190 -51.89 2.47 -27.67
N GLU D 191 -51.17 3.32 -26.95
CA GLU D 191 -50.32 4.31 -27.59
C GLU D 191 -49.25 3.64 -28.45
N TYR D 192 -48.54 2.70 -27.85
CA TYR D 192 -47.48 1.96 -28.52
C TYR D 192 -47.97 1.28 -29.79
N GLU D 193 -49.21 0.79 -29.74
CA GLU D 193 -49.77 0.02 -30.85
C GLU D 193 -50.17 0.92 -32.03
N ARG D 194 -50.23 2.22 -31.78
CA ARG D 194 -50.68 3.17 -32.80
C ARG D 194 -49.59 3.59 -33.78
N HIS D 195 -48.35 3.32 -33.42
CA HIS D 195 -47.23 3.69 -34.28
C HIS D 195 -46.29 2.50 -34.49
N ASN D 196 -45.43 2.61 -35.50
CA ASN D 196 -44.60 1.47 -35.92
C ASN D 196 -43.11 1.64 -35.59
N SER D 197 -42.53 2.77 -35.99
CA SER D 197 -41.10 3.00 -35.81
C SER D 197 -40.77 3.59 -34.44
N TYR D 198 -39.83 2.97 -33.75
CA TYR D 198 -39.36 3.48 -32.46
C TYR D 198 -37.84 3.64 -32.46
N THR D 199 -37.40 4.86 -32.17
CA THR D 199 -36.00 5.24 -32.35
C THR D 199 -35.42 5.92 -31.12
N CYS D 200 -34.19 5.53 -30.76
CA CYS D 200 -33.45 6.24 -29.73
C CYS D 200 -32.13 6.72 -30.33
N GLU D 201 -31.82 8.01 -30.15
CA GLU D 201 -30.62 8.59 -30.71
C GLU D 201 -29.68 9.08 -29.63
N ALA D 202 -28.42 8.67 -29.71
CA ALA D 202 -27.41 9.07 -28.73
C ALA D 202 -26.45 10.10 -29.32
N THR D 203 -26.41 11.28 -28.71
CA THR D 203 -25.47 12.31 -29.10
C THR D 203 -24.33 12.42 -28.08
N HIS D 204 -23.11 12.21 -28.55
CA HIS D 204 -21.94 12.17 -27.68
C HIS D 204 -20.79 12.92 -28.34
N LYS D 205 -19.87 13.45 -27.54
CA LYS D 205 -18.78 14.27 -28.06
C LYS D 205 -17.90 13.50 -29.05
N THR D 206 -18.00 12.18 -29.04
CA THR D 206 -17.18 11.35 -29.90
C THR D 206 -17.61 11.40 -31.37
N SER D 207 -18.75 12.03 -31.63
CA SER D 207 -19.26 12.11 -33.01
C SER D 207 -20.16 13.32 -33.22
N THR D 208 -20.07 13.93 -34.39
CA THR D 208 -20.90 15.07 -34.75
C THR D 208 -22.28 14.59 -35.22
N SER D 209 -22.37 13.30 -35.49
CA SER D 209 -23.63 12.69 -35.90
C SER D 209 -24.06 11.64 -34.86
N PRO D 210 -25.36 11.60 -34.56
CA PRO D 210 -25.91 10.74 -33.50
C PRO D 210 -25.85 9.26 -33.85
N ILE D 211 -25.74 8.41 -32.83
CA ILE D 211 -25.87 6.98 -33.01
C ILE D 211 -27.36 6.66 -32.99
N VAL D 212 -27.87 6.12 -34.09
CA VAL D 212 -29.30 5.86 -34.20
C VAL D 212 -29.64 4.37 -34.23
N LYS D 213 -30.36 3.92 -33.22
CA LYS D 213 -30.89 2.57 -33.19
C LYS D 213 -32.41 2.61 -33.25
N SER D 214 -32.99 1.73 -34.04
CA SER D 214 -34.43 1.76 -34.28
C SER D 214 -35.01 0.38 -34.56
N PHE D 215 -36.33 0.25 -34.39
CA PHE D 215 -37.02 -0.99 -34.72
C PHE D 215 -38.46 -0.71 -35.14
N ASN D 216 -39.02 -1.58 -35.96
CA ASN D 216 -40.40 -1.47 -36.38
C ASN D 216 -41.29 -2.46 -35.64
N ARG D 217 -42.32 -1.95 -34.99
CA ARG D 217 -43.20 -2.75 -34.17
C ARG D 217 -43.87 -3.87 -34.96
#